data_2LB2
#
_entry.id   2LB2
#
loop_
_entity.id
_entity.type
_entity.pdbx_description
1 polymer 'E3 ubiquitin-protein ligase NEDD4-like'
2 polymer 'Mothers against decapentaplegic homolog 3'
#
loop_
_entity_poly.entity_id
_entity_poly.type
_entity_poly.pdbx_seq_one_letter_code
_entity_poly.pdbx_strand_id
1 'polypeptide(L)' GLPSGWEERKDAKGRTYYVNHNNRTTTWTRPIMQL A
2 'polypeptide(L)' E(TPO)PPPGYLSEDG B
#
# COMPACT_ATOMS: atom_id res chain seq x y z
N GLY A 1 0.22 9.46 7.74
CA GLY A 1 -0.04 10.05 6.45
C GLY A 1 -0.40 9.02 5.41
N LEU A 2 -1.69 8.92 5.11
CA LEU A 2 -2.16 7.98 4.11
C LEU A 2 -2.92 8.75 3.04
N PRO A 3 -2.64 8.45 1.75
CA PRO A 3 -3.32 9.08 0.65
C PRO A 3 -4.57 8.30 0.27
N SER A 4 -5.67 9.01 0.21
CA SER A 4 -6.94 8.41 -0.11
C SER A 4 -6.96 7.98 -1.58
N GLY A 5 -7.08 6.68 -1.83
CA GLY A 5 -7.01 6.19 -3.19
C GLY A 5 -6.20 4.93 -3.23
N TRP A 6 -5.41 4.73 -2.19
CA TRP A 6 -4.77 3.46 -1.94
C TRP A 6 -5.31 2.86 -0.65
N GLU A 7 -5.28 1.55 -0.55
CA GLU A 7 -5.53 0.90 0.73
C GLU A 7 -4.18 0.51 1.33
N GLU A 8 -4.08 0.49 2.65
CA GLU A 8 -2.82 0.11 3.26
C GLU A 8 -2.99 -1.00 4.27
N ARG A 9 -1.95 -1.77 4.39
CA ARG A 9 -1.92 -2.89 5.30
C ARG A 9 -0.55 -2.99 5.96
N LYS A 10 -0.51 -2.76 7.25
CA LYS A 10 0.71 -2.86 8.01
C LYS A 10 0.80 -4.27 8.60
N ASP A 11 1.55 -5.14 7.94
CA ASP A 11 1.59 -6.55 8.33
C ASP A 11 2.71 -6.79 9.32
N ALA A 12 2.46 -7.63 10.32
CA ALA A 12 3.42 -7.88 11.40
C ALA A 12 4.60 -8.71 10.93
N LYS A 13 4.69 -8.99 9.63
CA LYS A 13 5.86 -9.67 9.09
C LYS A 13 7.02 -8.70 8.94
N GLY A 14 6.82 -7.48 9.43
CA GLY A 14 7.87 -6.48 9.47
C GLY A 14 7.92 -5.61 8.24
N ARG A 15 6.77 -5.45 7.57
CA ARG A 15 6.70 -4.64 6.36
C ARG A 15 5.27 -4.13 6.10
N THR A 16 5.13 -2.82 6.00
CA THR A 16 3.85 -2.21 5.65
C THR A 16 3.88 -1.78 4.19
N TYR A 17 2.74 -1.89 3.49
CA TYR A 17 2.72 -1.60 2.06
C TYR A 17 1.41 -0.94 1.66
N TYR A 18 1.48 -0.10 0.62
CA TYR A 18 0.31 0.62 0.14
C TYR A 18 -0.03 0.19 -1.29
N VAL A 19 -1.32 -0.06 -1.56
CA VAL A 19 -1.75 -0.47 -2.91
C VAL A 19 -2.49 0.65 -3.64
N ASN A 20 -1.93 1.13 -4.75
CA ASN A 20 -2.54 2.24 -5.49
C ASN A 20 -3.48 1.73 -6.57
N HIS A 21 -4.75 2.15 -6.57
CA HIS A 21 -5.72 1.67 -7.56
C HIS A 21 -5.60 2.49 -8.82
N ASN A 22 -4.92 3.59 -8.66
CA ASN A 22 -4.79 4.59 -9.69
C ASN A 22 -3.70 4.20 -10.69
N ASN A 23 -2.71 3.45 -10.20
CA ASN A 23 -1.62 2.99 -11.05
C ASN A 23 -1.55 1.47 -11.09
N ARG A 24 -2.25 0.82 -10.15
CA ARG A 24 -2.21 -0.63 -9.99
C ARG A 24 -0.85 -1.07 -9.48
N THR A 25 -0.57 -0.76 -8.23
CA THR A 25 0.75 -0.97 -7.69
C THR A 25 0.73 -1.46 -6.22
N THR A 26 1.70 -2.30 -5.84
CA THR A 26 1.89 -2.73 -4.47
C THR A 26 3.34 -2.39 -4.07
N THR A 27 3.52 -1.50 -3.10
CA THR A 27 4.82 -0.90 -2.92
C THR A 27 5.12 -0.51 -1.46
N TRP A 28 6.41 -0.54 -1.11
CA TRP A 28 6.89 -0.06 0.18
C TRP A 28 6.91 1.46 0.22
N THR A 29 6.94 2.07 -0.96
CA THR A 29 7.22 3.49 -1.10
C THR A 29 6.10 4.36 -0.57
N ARG A 30 6.47 5.45 0.09
CA ARG A 30 5.52 6.43 0.56
C ARG A 30 4.92 7.18 -0.62
N PRO A 31 3.59 7.23 -0.70
CA PRO A 31 2.88 7.80 -1.84
C PRO A 31 3.02 9.32 -1.92
N ILE A 32 3.50 9.78 -3.07
CA ILE A 32 3.69 11.20 -3.33
C ILE A 32 2.34 11.84 -3.70
N MET A 33 1.33 10.99 -3.90
CA MET A 33 0.01 11.42 -4.38
C MET A 33 -0.78 12.18 -3.38
N GLN A 34 -0.15 12.10 -2.36
CA GLN A 34 -0.58 12.51 -1.04
C GLN A 34 -0.53 14.03 -0.89
N LEU A 35 0.25 14.68 -1.73
CA LEU A 35 0.41 16.12 -1.68
C LEU A 35 -0.10 16.75 -2.96
N GLU B 1 14.40 -7.93 3.77
CA GLU B 1 12.97 -7.62 3.51
C GLU B 1 12.39 -8.62 2.53
N PRO B 3 9.40 -9.05 0.14
CA PRO B 3 8.43 -8.16 -0.52
C PRO B 3 6.95 -8.21 -0.29
N PRO B 4 6.36 -7.17 -0.91
CA PRO B 4 4.94 -6.82 -0.86
C PRO B 4 4.00 -7.95 -1.28
N PRO B 5 2.84 -8.01 -0.61
CA PRO B 5 1.71 -8.83 -1.03
C PRO B 5 1.09 -8.27 -2.31
N GLY B 6 0.50 -9.12 -3.15
CA GLY B 6 -0.07 -8.69 -4.42
C GLY B 6 -0.97 -7.46 -4.30
N TYR B 7 -1.34 -6.88 -5.43
CA TYR B 7 -1.98 -5.57 -5.43
C TYR B 7 -3.52 -5.65 -5.34
N LEU B 8 -4.09 -4.75 -4.51
CA LEU B 8 -5.50 -4.73 -4.19
C LEU B 8 -6.07 -6.05 -3.75
N SER B 9 -5.62 -6.43 -2.58
CA SER B 9 -6.27 -7.44 -1.80
C SER B 9 -6.08 -7.05 -0.35
N GLU B 10 -7.10 -6.45 0.22
CA GLU B 10 -6.96 -5.79 1.50
C GLU B 10 -8.07 -6.24 2.44
N ASP B 11 -7.72 -7.05 3.42
CA ASP B 11 -8.69 -7.55 4.38
C ASP B 11 -8.90 -6.54 5.50
N GLY B 12 -10.06 -5.91 5.50
CA GLY B 12 -10.38 -4.93 6.50
C GLY B 12 -11.62 -5.31 7.26
N GLY A 1 1.21 8.95 6.76
CA GLY A 1 0.39 9.69 5.82
C GLY A 1 -0.25 8.79 4.79
N LEU A 2 -1.51 8.46 5.01
CA LEU A 2 -2.24 7.59 4.09
C LEU A 2 -3.16 8.42 3.21
N PRO A 3 -3.04 8.30 1.88
CA PRO A 3 -3.85 9.07 0.96
C PRO A 3 -5.13 8.35 0.60
N SER A 4 -6.17 9.13 0.43
CA SER A 4 -7.49 8.64 0.11
C SER A 4 -7.50 8.10 -1.32
N GLY A 5 -7.60 6.78 -1.49
CA GLY A 5 -7.62 6.21 -2.81
C GLY A 5 -6.88 4.89 -2.87
N TRP A 6 -5.99 4.68 -1.92
CA TRP A 6 -5.34 3.41 -1.76
C TRP A 6 -5.90 2.67 -0.56
N GLU A 7 -5.80 1.35 -0.56
CA GLU A 7 -6.09 0.58 0.64
C GLU A 7 -4.74 0.26 1.27
N GLU A 8 -4.69 0.12 2.59
CA GLU A 8 -3.42 -0.23 3.22
C GLU A 8 -3.55 -1.42 4.14
N ARG A 9 -2.45 -2.13 4.25
CA ARG A 9 -2.37 -3.30 5.13
C ARG A 9 -1.05 -3.29 5.87
N LYS A 10 -1.12 -3.14 7.18
CA LYS A 10 0.07 -3.15 8.01
C LYS A 10 0.31 -4.57 8.52
N ASP A 11 1.31 -5.24 7.96
CA ASP A 11 1.56 -6.63 8.31
C ASP A 11 2.60 -6.73 9.42
N ALA A 12 2.37 -7.63 10.38
CA ALA A 12 3.19 -7.74 11.58
C ALA A 12 4.59 -8.29 11.28
N LYS A 13 4.85 -8.59 10.02
CA LYS A 13 6.17 -9.05 9.61
C LYS A 13 7.16 -7.88 9.54
N GLY A 14 6.68 -6.69 9.90
CA GLY A 14 7.53 -5.53 9.92
C GLY A 14 7.54 -4.81 8.59
N ARG A 15 6.50 -5.04 7.80
CA ARG A 15 6.42 -4.46 6.47
C ARG A 15 4.99 -3.99 6.19
N THR A 16 4.80 -2.68 6.13
CA THR A 16 3.49 -2.09 5.87
C THR A 16 3.49 -1.42 4.49
N TYR A 17 2.45 -1.65 3.70
CA TYR A 17 2.46 -1.19 2.32
C TYR A 17 1.13 -0.58 1.91
N TYR A 18 1.21 0.36 0.98
CA TYR A 18 0.03 1.02 0.45
C TYR A 18 -0.24 0.55 -0.99
N VAL A 19 -1.51 0.27 -1.32
CA VAL A 19 -1.87 -0.24 -2.64
C VAL A 19 -2.67 0.78 -3.43
N ASN A 20 -2.12 1.30 -4.51
CA ASN A 20 -2.81 2.32 -5.28
C ASN A 20 -3.65 1.70 -6.40
N HIS A 21 -4.95 2.01 -6.46
CA HIS A 21 -5.82 1.41 -7.48
C HIS A 21 -5.74 2.22 -8.76
N ASN A 22 -5.18 3.39 -8.59
CA ASN A 22 -5.20 4.41 -9.60
C ASN A 22 -4.04 4.22 -10.57
N ASN A 23 -2.99 3.55 -10.09
CA ASN A 23 -1.85 3.20 -10.93
C ASN A 23 -1.66 1.69 -10.98
N ARG A 24 -2.33 0.99 -10.06
CA ARG A 24 -2.18 -0.45 -9.89
C ARG A 24 -0.80 -0.78 -9.34
N THR A 25 -0.59 -0.44 -8.06
CA THR A 25 0.74 -0.52 -7.49
C THR A 25 0.72 -1.05 -6.04
N THR A 26 1.80 -1.76 -5.63
CA THR A 26 1.98 -2.23 -4.28
C THR A 26 3.42 -1.91 -3.82
N THR A 27 3.58 -1.03 -2.82
CA THR A 27 4.91 -0.51 -2.53
C THR A 27 5.07 -0.14 -1.04
N TRP A 28 6.32 -0.25 -0.55
CA TRP A 28 6.64 0.23 0.80
C TRP A 28 6.77 1.75 0.80
N THR A 29 7.01 2.30 -0.38
CA THR A 29 7.29 3.72 -0.54
C THR A 29 6.03 4.55 -0.26
N ARG A 30 6.23 5.77 0.24
CA ARG A 30 5.12 6.65 0.49
C ARG A 30 4.50 7.13 -0.81
N PRO A 31 3.19 7.39 -0.78
CA PRO A 31 2.43 7.79 -1.97
C PRO A 31 2.80 9.18 -2.47
N ILE A 32 3.20 9.24 -3.74
CA ILE A 32 3.51 10.50 -4.41
C ILE A 32 2.22 11.29 -4.64
N MET A 33 1.09 10.63 -4.40
CA MET A 33 -0.23 11.24 -4.58
C MET A 33 -0.59 12.18 -3.50
N GLN A 34 0.28 12.06 -2.67
CA GLN A 34 0.28 12.61 -1.33
C GLN A 34 1.48 13.54 -1.15
N LEU A 35 2.67 13.02 -1.46
CA LEU A 35 3.91 13.79 -1.42
C LEU A 35 4.25 14.22 0.01
N GLU B 1 14.32 -7.90 3.74
CA GLU B 1 12.88 -7.60 3.57
C GLU B 1 12.32 -8.44 2.44
N PRO B 3 9.47 -8.46 -0.07
CA PRO B 3 8.51 -7.51 -0.61
C PRO B 3 7.03 -7.64 -0.44
N PRO B 4 6.44 -6.52 -0.87
CA PRO B 4 5.01 -6.21 -0.80
C PRO B 4 4.12 -7.31 -1.37
N PRO B 5 2.98 -7.53 -0.72
CA PRO B 5 1.92 -8.41 -1.21
C PRO B 5 1.25 -7.79 -2.42
N GLY B 6 0.74 -8.63 -3.33
CA GLY B 6 0.18 -8.16 -4.60
C GLY B 6 -0.80 -7.00 -4.47
N TYR B 7 -1.17 -6.43 -5.60
CA TYR B 7 -1.97 -5.21 -5.61
C TYR B 7 -3.49 -5.48 -5.60
N LEU B 8 -4.20 -4.66 -4.80
CA LEU B 8 -5.62 -4.81 -4.54
C LEU B 8 -6.04 -6.21 -4.21
N SER B 9 -5.61 -6.60 -3.04
CA SER B 9 -6.15 -7.70 -2.33
C SER B 9 -5.98 -7.34 -0.88
N GLU B 10 -7.05 -6.86 -0.27
CA GLU B 10 -6.94 -6.21 1.03
C GLU B 10 -7.95 -6.77 2.01
N ASP B 11 -7.46 -7.57 2.94
CA ASP B 11 -8.30 -8.15 3.97
C ASP B 11 -8.43 -7.19 5.14
N GLY B 12 -9.67 -6.95 5.54
CA GLY B 12 -9.93 -6.05 6.63
C GLY B 12 -11.39 -6.04 6.99
N GLY A 1 0.22 10.01 7.36
CA GLY A 1 -0.94 10.40 6.59
C GLY A 1 -1.14 9.51 5.39
N LEU A 2 -2.40 9.23 5.07
CA LEU A 2 -2.73 8.35 3.96
C LEU A 2 -3.52 9.11 2.90
N PRO A 3 -3.23 8.88 1.61
CA PRO A 3 -4.02 9.43 0.53
C PRO A 3 -5.16 8.50 0.17
N SER A 4 -6.34 9.06 0.09
CA SER A 4 -7.55 8.30 -0.19
C SER A 4 -7.53 7.80 -1.63
N GLY A 5 -7.54 6.48 -1.82
CA GLY A 5 -7.42 5.94 -3.15
C GLY A 5 -6.58 4.70 -3.13
N TRP A 6 -5.78 4.56 -2.08
CA TRP A 6 -5.11 3.32 -1.80
C TRP A 6 -5.72 2.68 -0.56
N GLU A 7 -5.54 1.38 -0.41
CA GLU A 7 -5.92 0.74 0.83
C GLU A 7 -4.65 0.51 1.65
N GLU A 8 -4.64 0.95 2.90
CA GLU A 8 -3.43 0.86 3.70
C GLU A 8 -3.35 -0.44 4.45
N ARG A 9 -2.13 -0.91 4.62
CA ARG A 9 -1.89 -2.17 5.30
C ARG A 9 -0.54 -2.17 6.01
N LYS A 10 -0.58 -2.30 7.33
CA LYS A 10 0.62 -2.57 8.09
C LYS A 10 0.64 -4.05 8.44
N ASP A 11 1.39 -4.83 7.66
CA ASP A 11 1.28 -6.28 7.75
C ASP A 11 2.27 -6.82 8.78
N ALA A 12 1.85 -7.86 9.50
CA ALA A 12 2.62 -8.42 10.62
C ALA A 12 3.87 -9.14 10.15
N LYS A 13 4.11 -9.12 8.84
CA LYS A 13 5.34 -9.64 8.27
C LYS A 13 6.51 -8.69 8.59
N GLY A 14 6.19 -7.54 9.18
CA GLY A 14 7.19 -6.55 9.50
C GLY A 14 7.39 -5.57 8.37
N ARG A 15 6.39 -5.49 7.51
CA ARG A 15 6.46 -4.63 6.33
C ARG A 15 5.08 -4.02 6.02
N THR A 16 4.99 -2.70 6.14
CA THR A 16 3.76 -2.00 5.81
C THR A 16 3.81 -1.53 4.36
N TYR A 17 2.67 -1.61 3.66
CA TYR A 17 2.65 -1.26 2.26
C TYR A 17 1.33 -0.60 1.89
N TYR A 18 1.39 0.27 0.90
CA TYR A 18 0.23 0.99 0.42
C TYR A 18 -0.09 0.54 -1.02
N VAL A 19 -1.35 0.22 -1.29
CA VAL A 19 -1.74 -0.30 -2.59
C VAL A 19 -2.52 0.75 -3.39
N ASN A 20 -1.93 1.26 -4.45
CA ASN A 20 -2.58 2.31 -5.22
C ASN A 20 -3.44 1.74 -6.33
N HIS A 21 -4.72 2.10 -6.39
CA HIS A 21 -5.60 1.58 -7.45
C HIS A 21 -5.50 2.48 -8.65
N ASN A 22 -4.93 3.64 -8.41
CA ASN A 22 -4.88 4.72 -9.36
C ASN A 22 -3.82 4.47 -10.42
N ASN A 23 -2.70 3.88 -10.02
CA ASN A 23 -1.65 3.49 -10.95
C ASN A 23 -1.49 1.97 -10.99
N ARG A 24 -2.07 1.31 -9.98
CA ARG A 24 -2.03 -0.16 -9.84
C ARG A 24 -0.69 -0.62 -9.27
N THR A 25 -0.45 -0.35 -7.99
CA THR A 25 0.84 -0.63 -7.41
C THR A 25 0.75 -1.16 -5.96
N THR A 26 1.73 -2.01 -5.57
CA THR A 26 1.91 -2.46 -4.20
C THR A 26 3.35 -2.12 -3.78
N THR A 27 3.53 -1.23 -2.81
CA THR A 27 4.86 -0.70 -2.56
C THR A 27 5.10 -0.31 -1.10
N TRP A 28 6.36 -0.42 -0.66
CA TRP A 28 6.77 0.06 0.66
C TRP A 28 6.82 1.59 0.66
N THR A 29 7.03 2.18 -0.51
CA THR A 29 7.32 3.59 -0.61
C THR A 29 6.09 4.44 -0.28
N ARG A 30 6.34 5.63 0.25
CA ARG A 30 5.28 6.54 0.61
C ARG A 30 4.59 7.08 -0.61
N PRO A 31 3.28 7.32 -0.51
CA PRO A 31 2.46 7.74 -1.65
C PRO A 31 2.76 9.16 -2.13
N ILE A 32 3.23 9.24 -3.37
CA ILE A 32 3.54 10.52 -4.01
C ILE A 32 2.26 11.26 -4.40
N MET A 33 1.13 10.56 -4.28
CA MET A 33 -0.16 11.09 -4.74
C MET A 33 -0.73 12.14 -3.86
N GLN A 34 -0.01 12.18 -2.90
CA GLN A 34 -0.27 12.90 -1.67
C GLN A 34 0.66 14.10 -1.54
N LEU A 35 1.68 14.16 -2.39
CA LEU A 35 2.69 15.21 -2.31
C LEU A 35 2.50 16.23 -3.41
N GLU B 1 14.32 -8.42 3.79
CA GLU B 1 12.87 -8.15 3.76
C GLU B 1 12.20 -9.06 2.73
N PRO B 3 9.33 -9.21 0.28
CA PRO B 3 8.45 -8.27 -0.40
C PRO B 3 6.96 -8.23 -0.23
N PRO B 4 6.47 -7.14 -0.84
CA PRO B 4 5.08 -6.72 -0.86
C PRO B 4 4.10 -7.82 -1.25
N PRO B 5 2.95 -7.84 -0.57
CA PRO B 5 1.78 -8.63 -0.97
C PRO B 5 1.19 -8.02 -2.23
N GLY B 6 0.56 -8.86 -3.08
CA GLY B 6 0.06 -8.40 -4.37
C GLY B 6 -0.79 -7.14 -4.30
N TYR B 7 -1.14 -6.60 -5.46
CA TYR B 7 -1.82 -5.32 -5.52
C TYR B 7 -3.36 -5.48 -5.46
N LEU B 8 -3.98 -4.80 -4.47
CA LEU B 8 -5.42 -4.84 -4.23
C LEU B 8 -5.92 -6.18 -3.79
N SER B 9 -5.54 -6.50 -2.57
CA SER B 9 -6.14 -7.56 -1.83
C SER B 9 -6.05 -7.18 -0.36
N GLU B 10 -7.15 -6.65 0.16
CA GLU B 10 -7.19 -6.11 1.49
C GLU B 10 -8.27 -6.80 2.32
N ASP B 11 -7.81 -7.67 3.20
CA ASP B 11 -8.69 -8.45 4.06
C ASP B 11 -8.44 -8.10 5.52
N GLY B 12 -7.30 -7.49 5.78
CA GLY B 12 -6.94 -7.11 7.13
C GLY B 12 -5.45 -7.04 7.31
N GLY A 1 -0.14 10.48 7.68
CA GLY A 1 -1.06 10.78 6.62
C GLY A 1 -1.21 9.64 5.64
N LEU A 2 -2.39 9.50 5.06
CA LEU A 2 -2.61 8.49 4.04
C LEU A 2 -3.27 9.17 2.83
N PRO A 3 -2.86 8.84 1.60
CA PRO A 3 -3.47 9.39 0.43
C PRO A 3 -4.65 8.55 -0.03
N SER A 4 -5.76 9.22 -0.23
CA SER A 4 -7.01 8.55 -0.57
C SER A 4 -6.95 7.97 -1.98
N GLY A 5 -7.07 6.65 -2.10
CA GLY A 5 -6.99 6.03 -3.40
C GLY A 5 -6.18 4.76 -3.33
N TRP A 6 -5.42 4.63 -2.25
CA TRP A 6 -4.78 3.40 -1.91
C TRP A 6 -5.36 2.82 -0.63
N GLU A 7 -5.38 1.51 -0.49
CA GLU A 7 -5.73 0.92 0.79
C GLU A 7 -4.43 0.62 1.52
N GLU A 8 -4.37 0.88 2.81
CA GLU A 8 -3.15 0.61 3.54
C GLU A 8 -3.27 -0.68 4.33
N ARG A 9 -2.13 -1.32 4.49
CA ARG A 9 -2.06 -2.57 5.22
C ARG A 9 -0.72 -2.69 5.94
N LYS A 10 -0.79 -2.62 7.25
CA LYS A 10 0.40 -2.84 8.07
C LYS A 10 0.49 -4.32 8.41
N ASP A 11 1.40 -5.03 7.75
CA ASP A 11 1.47 -6.47 7.92
C ASP A 11 2.45 -6.82 9.04
N ALA A 12 2.07 -7.77 9.88
CA ALA A 12 2.87 -8.13 11.05
C ALA A 12 4.10 -8.95 10.67
N LYS A 13 4.26 -9.23 9.37
CA LYS A 13 5.45 -9.94 8.89
C LYS A 13 6.64 -8.98 8.81
N GLY A 14 6.42 -7.76 9.32
CA GLY A 14 7.49 -6.79 9.45
C GLY A 14 7.65 -5.91 8.23
N ARG A 15 6.55 -5.66 7.52
CA ARG A 15 6.59 -4.85 6.32
C ARG A 15 5.23 -4.17 6.06
N THR A 16 5.24 -2.83 6.00
CA THR A 16 4.03 -2.05 5.76
C THR A 16 3.99 -1.59 4.30
N TYR A 17 2.87 -1.78 3.61
CA TYR A 17 2.80 -1.44 2.20
C TYR A 17 1.49 -0.74 1.84
N TYR A 18 1.55 0.12 0.83
CA TYR A 18 0.37 0.85 0.37
C TYR A 18 0.05 0.45 -1.08
N VAL A 19 -1.22 0.17 -1.37
CA VAL A 19 -1.62 -0.35 -2.68
C VAL A 19 -2.40 0.67 -3.47
N ASN A 20 -1.87 1.08 -4.62
CA ASN A 20 -2.54 2.10 -5.41
C ASN A 20 -3.48 1.49 -6.44
N HIS A 21 -4.75 1.90 -6.47
CA HIS A 21 -5.71 1.36 -7.44
C HIS A 21 -5.64 2.16 -8.72
N ASN A 22 -5.01 3.30 -8.60
CA ASN A 22 -5.01 4.32 -9.63
C ASN A 22 -3.94 4.01 -10.69
N ASN A 23 -2.90 3.32 -10.27
CA ASN A 23 -1.81 2.91 -11.15
C ASN A 23 -1.66 1.39 -11.17
N ARG A 24 -2.29 0.73 -10.19
CA ARG A 24 -2.21 -0.72 -10.03
C ARG A 24 -0.83 -1.11 -9.51
N THR A 25 -0.57 -0.78 -8.25
CA THR A 25 0.77 -0.93 -7.70
C THR A 25 0.76 -1.34 -6.22
N THR A 26 1.80 -2.08 -5.80
CA THR A 26 2.01 -2.45 -4.42
C THR A 26 3.45 -2.06 -4.01
N THR A 27 3.63 -1.25 -2.98
CA THR A 27 4.94 -0.66 -2.73
C THR A 27 5.20 -0.39 -1.24
N TRP A 28 6.48 -0.46 -0.86
CA TRP A 28 6.92 -0.07 0.48
C TRP A 28 6.97 1.45 0.61
N THR A 29 7.16 2.12 -0.52
CA THR A 29 7.48 3.54 -0.53
C THR A 29 6.26 4.42 -0.28
N ARG A 30 6.51 5.58 0.32
CA ARG A 30 5.45 6.55 0.60
C ARG A 30 4.92 7.17 -0.68
N PRO A 31 3.59 7.19 -0.84
CA PRO A 31 2.93 7.68 -2.06
C PRO A 31 3.05 9.19 -2.21
N ILE A 32 3.41 9.62 -3.42
CA ILE A 32 3.51 11.03 -3.76
C ILE A 32 2.12 11.64 -3.88
N MET A 33 1.09 10.78 -3.86
CA MET A 33 -0.31 11.21 -4.08
C MET A 33 -0.88 11.96 -2.95
N GLN A 34 -0.07 11.87 -2.06
CA GLN A 34 -0.26 12.31 -0.68
C GLN A 34 -0.04 13.81 -0.59
N LEU A 35 0.51 14.39 -1.65
CA LEU A 35 0.72 15.83 -1.72
C LEU A 35 -0.47 16.47 -2.41
N GLU B 1 14.26 -8.76 3.83
CA GLU B 1 12.83 -8.44 3.65
C GLU B 1 12.21 -9.40 2.65
N PRO B 3 9.26 -9.42 0.17
CA PRO B 3 8.40 -8.41 -0.46
C PRO B 3 6.92 -8.31 -0.26
N PRO B 4 6.45 -7.20 -0.88
CA PRO B 4 5.06 -6.74 -0.88
C PRO B 4 4.07 -7.78 -1.37
N PRO B 5 2.89 -7.81 -0.72
CA PRO B 5 1.73 -8.56 -1.19
C PRO B 5 1.16 -7.91 -2.45
N GLY B 6 0.56 -8.72 -3.31
CA GLY B 6 0.05 -8.21 -4.59
C GLY B 6 -0.89 -7.01 -4.47
N TYR B 7 -1.35 -6.52 -5.62
CA TYR B 7 -2.12 -5.29 -5.67
C TYR B 7 -3.65 -5.52 -5.53
N LEU B 8 -4.26 -4.78 -4.59
CA LEU B 8 -5.70 -4.82 -4.33
C LEU B 8 -6.21 -6.18 -3.94
N SER B 9 -5.81 -6.55 -2.75
CA SER B 9 -6.49 -7.53 -1.98
C SER B 9 -6.24 -7.17 -0.53
N GLU B 10 -7.23 -6.53 0.08
CA GLU B 10 -7.01 -5.90 1.36
C GLU B 10 -8.10 -6.33 2.33
N ASP B 11 -7.76 -7.29 3.17
CA ASP B 11 -8.73 -7.88 4.10
C ASP B 11 -8.52 -7.37 5.51
N GLY B 12 -7.32 -6.86 5.78
CA GLY B 12 -7.02 -6.34 7.09
C GLY B 12 -5.61 -6.67 7.51
N GLY A 1 1.92 9.63 6.22
CA GLY A 1 0.55 10.03 6.00
C GLY A 1 -0.13 9.11 5.01
N LEU A 2 -1.41 8.81 5.26
CA LEU A 2 -2.16 7.93 4.38
C LEU A 2 -2.93 8.75 3.36
N PRO A 3 -2.74 8.49 2.06
CA PRO A 3 -3.40 9.23 1.01
C PRO A 3 -4.74 8.60 0.62
N SER A 4 -5.67 9.46 0.30
CA SER A 4 -6.99 9.04 -0.11
C SER A 4 -6.93 8.38 -1.49
N GLY A 5 -7.10 7.07 -1.54
CA GLY A 5 -7.15 6.40 -2.81
C GLY A 5 -6.52 5.02 -2.78
N TRP A 6 -5.66 4.78 -1.81
CA TRP A 6 -5.08 3.48 -1.63
C TRP A 6 -5.70 2.78 -0.43
N GLU A 7 -5.65 1.45 -0.42
CA GLU A 7 -6.03 0.72 0.77
C GLU A 7 -4.76 0.44 1.57
N GLU A 8 -4.81 0.63 2.87
CA GLU A 8 -3.64 0.38 3.69
C GLU A 8 -3.68 -1.01 4.31
N ARG A 9 -2.51 -1.60 4.46
CA ARG A 9 -2.37 -2.89 5.13
C ARG A 9 -1.02 -2.98 5.82
N LYS A 10 -1.04 -3.31 7.09
CA LYS A 10 0.17 -3.51 7.84
C LYS A 10 0.28 -4.97 8.26
N ASP A 11 1.31 -5.67 7.79
CA ASP A 11 1.44 -7.09 8.08
C ASP A 11 2.42 -7.30 9.23
N ALA A 12 2.19 -8.34 10.02
CA ALA A 12 3.01 -8.66 11.19
C ALA A 12 4.45 -8.99 10.82
N LYS A 13 4.72 -9.03 9.52
CA LYS A 13 6.08 -9.19 9.02
C LYS A 13 6.97 -8.01 9.41
N GLY A 14 6.36 -6.94 9.91
CA GLY A 14 7.11 -5.74 10.21
C GLY A 14 7.23 -4.86 8.99
N ARG A 15 6.25 -4.99 8.11
CA ARG A 15 6.23 -4.27 6.84
C ARG A 15 4.81 -3.86 6.50
N THR A 16 4.59 -2.56 6.30
CA THR A 16 3.28 -2.07 5.92
C THR A 16 3.34 -1.50 4.50
N TYR A 17 2.36 -1.84 3.69
CA TYR A 17 2.36 -1.45 2.29
C TYR A 17 1.06 -0.78 1.91
N TYR A 18 1.13 0.13 0.96
CA TYR A 18 -0.04 0.84 0.51
C TYR A 18 -0.30 0.51 -0.96
N VAL A 19 -1.56 0.25 -1.32
CA VAL A 19 -1.91 -0.21 -2.65
C VAL A 19 -2.67 0.85 -3.42
N ASN A 20 -2.12 1.33 -4.51
CA ASN A 20 -2.76 2.41 -5.24
C ASN A 20 -3.63 1.88 -6.39
N HIS A 21 -4.92 2.22 -6.41
CA HIS A 21 -5.82 1.74 -7.46
C HIS A 21 -5.72 2.65 -8.66
N ASN A 22 -5.12 3.79 -8.41
CA ASN A 22 -5.07 4.87 -9.35
C ASN A 22 -3.91 4.72 -10.33
N ASN A 23 -2.87 4.03 -9.88
CA ASN A 23 -1.69 3.77 -10.73
C ASN A 23 -1.48 2.27 -10.90
N ARG A 24 -2.13 1.46 -10.05
CA ARG A 24 -1.99 0.00 -10.06
C ARG A 24 -0.64 -0.40 -9.45
N THR A 25 -0.50 -0.23 -8.13
CA THR A 25 0.79 -0.45 -7.49
C THR A 25 0.69 -1.02 -6.05
N THR A 26 1.67 -1.85 -5.67
CA THR A 26 1.80 -2.36 -4.30
C THR A 26 3.24 -2.11 -3.82
N THR A 27 3.43 -1.22 -2.83
CA THR A 27 4.79 -0.81 -2.49
C THR A 27 4.96 -0.43 -1.02
N TRP A 28 6.18 -0.64 -0.49
CA TRP A 28 6.57 -0.11 0.82
C TRP A 28 6.78 1.40 0.72
N THR A 29 7.01 1.87 -0.50
CA THR A 29 7.42 3.24 -0.72
C THR A 29 6.27 4.20 -0.43
N ARG A 30 6.61 5.37 0.12
CA ARG A 30 5.59 6.31 0.55
C ARG A 30 4.87 6.93 -0.63
N PRO A 31 3.55 7.06 -0.49
CA PRO A 31 2.66 7.51 -1.58
C PRO A 31 2.85 8.97 -1.94
N ILE A 32 3.12 9.21 -3.22
CA ILE A 32 3.29 10.55 -3.75
C ILE A 32 1.93 11.17 -4.09
N MET A 33 0.88 10.33 -4.04
CA MET A 33 -0.47 10.70 -4.49
C MET A 33 -1.14 11.70 -3.64
N GLN A 34 -0.45 11.85 -2.68
CA GLN A 34 -0.78 12.62 -1.49
C GLN A 34 -0.43 14.09 -1.71
N LEU A 35 0.31 14.36 -2.78
CA LEU A 35 0.69 15.72 -3.12
C LEU A 35 -0.25 16.27 -4.19
N GLU B 1 14.03 -7.84 4.50
CA GLU B 1 12.60 -7.56 4.25
C GLU B 1 12.06 -8.46 3.14
N PRO B 3 9.24 -8.78 0.59
CA PRO B 3 8.25 -7.91 -0.04
C PRO B 3 6.76 -8.08 0.10
N PRO B 4 6.14 -7.00 -0.41
CA PRO B 4 4.71 -6.71 -0.38
C PRO B 4 3.82 -7.82 -0.96
N PRO B 5 2.60 -7.90 -0.41
CA PRO B 5 1.51 -8.67 -1.01
C PRO B 5 1.03 -7.98 -2.28
N GLY B 6 0.50 -8.75 -3.24
CA GLY B 6 0.12 -8.21 -4.55
C GLY B 6 -0.79 -6.99 -4.50
N TYR B 7 -1.11 -6.44 -5.67
CA TYR B 7 -1.83 -5.18 -5.75
C TYR B 7 -3.37 -5.37 -5.76
N LEU B 8 -4.05 -4.74 -4.78
CA LEU B 8 -5.49 -4.77 -4.63
C LEU B 8 -6.07 -6.13 -4.37
N SER B 9 -5.75 -6.58 -3.19
CA SER B 9 -6.49 -7.58 -2.50
C SER B 9 -6.29 -7.30 -1.02
N GLU B 10 -7.26 -6.64 -0.42
CA GLU B 10 -7.06 -6.08 0.91
C GLU B 10 -8.15 -6.58 1.84
N ASP B 11 -7.81 -7.59 2.63
CA ASP B 11 -8.77 -8.19 3.54
C ASP B 11 -8.29 -8.04 4.99
N GLY B 12 -7.03 -7.65 5.13
CA GLY B 12 -6.45 -7.47 6.44
C GLY B 12 -5.10 -8.14 6.55
N GLY A 1 -0.15 9.03 7.71
CA GLY A 1 -0.92 9.81 6.77
C GLY A 1 -1.13 9.07 5.47
N LEU A 2 -2.39 8.83 5.15
CA LEU A 2 -2.74 8.07 3.95
C LEU A 2 -3.31 8.99 2.88
N PRO A 3 -2.97 8.76 1.60
CA PRO A 3 -3.57 9.48 0.51
C PRO A 3 -4.82 8.76 0.00
N SER A 4 -5.78 9.54 -0.40
CA SER A 4 -7.08 9.04 -0.81
C SER A 4 -6.98 8.29 -2.14
N GLY A 5 -7.20 6.98 -2.11
CA GLY A 5 -7.20 6.21 -3.34
C GLY A 5 -6.50 4.89 -3.21
N TRP A 6 -5.68 4.76 -2.17
CA TRP A 6 -5.04 3.52 -1.85
C TRP A 6 -5.66 2.91 -0.60
N GLU A 7 -5.42 1.63 -0.39
CA GLU A 7 -5.73 1.04 0.90
C GLU A 7 -4.42 0.78 1.63
N GLU A 8 -4.44 0.84 2.95
CA GLU A 8 -3.23 0.68 3.73
C GLU A 8 -3.23 -0.61 4.54
N ARG A 9 -2.04 -1.14 4.75
CA ARG A 9 -1.88 -2.34 5.54
C ARG A 9 -0.54 -2.34 6.26
N LYS A 10 -0.60 -2.44 7.58
CA LYS A 10 0.57 -2.70 8.38
C LYS A 10 0.53 -4.18 8.76
N ASP A 11 1.30 -4.99 8.03
CA ASP A 11 1.16 -6.44 8.14
C ASP A 11 2.22 -7.02 9.08
N ALA A 12 1.84 -8.10 9.77
CA ALA A 12 2.68 -8.72 10.79
C ALA A 12 3.88 -9.44 10.21
N LYS A 13 4.00 -9.41 8.88
CA LYS A 13 5.18 -9.93 8.20
C LYS A 13 6.38 -9.01 8.43
N GLY A 14 6.14 -7.89 9.11
CA GLY A 14 7.20 -6.96 9.43
C GLY A 14 7.41 -5.93 8.35
N ARG A 15 6.34 -5.63 7.62
CA ARG A 15 6.39 -4.71 6.51
C ARG A 15 5.01 -4.08 6.23
N THR A 16 4.96 -2.75 6.25
CA THR A 16 3.74 -2.03 5.93
C THR A 16 3.80 -1.52 4.50
N TYR A 17 2.68 -1.61 3.78
CA TYR A 17 2.66 -1.28 2.37
C TYR A 17 1.35 -0.62 1.98
N TYR A 18 1.41 0.24 0.97
CA TYR A 18 0.22 0.91 0.47
C TYR A 18 -0.09 0.44 -0.96
N VAL A 19 -1.37 0.23 -1.25
CA VAL A 19 -1.81 -0.31 -2.54
C VAL A 19 -2.53 0.74 -3.35
N ASN A 20 -1.95 1.15 -4.47
CA ASN A 20 -2.56 2.18 -5.29
C ASN A 20 -3.44 1.57 -6.37
N HIS A 21 -4.72 1.96 -6.45
CA HIS A 21 -5.63 1.42 -7.47
C HIS A 21 -5.52 2.26 -8.72
N ASN A 22 -4.92 3.41 -8.54
CA ASN A 22 -4.88 4.44 -9.53
C ASN A 22 -3.85 4.11 -10.61
N ASN A 23 -2.66 3.70 -10.19
CA ASN A 23 -1.64 3.26 -11.13
C ASN A 23 -1.48 1.73 -11.06
N ARG A 24 -2.04 1.12 -10.00
CA ARG A 24 -2.04 -0.33 -9.79
C ARG A 24 -0.71 -0.82 -9.23
N THR A 25 -0.45 -0.50 -7.96
CA THR A 25 0.86 -0.75 -7.38
C THR A 25 0.79 -1.21 -5.90
N THR A 26 1.77 -2.02 -5.48
CA THR A 26 1.92 -2.43 -4.10
C THR A 26 3.37 -2.16 -3.66
N THR A 27 3.61 -1.20 -2.75
CA THR A 27 4.97 -0.77 -2.50
C THR A 27 5.18 -0.28 -1.07
N TRP A 28 6.42 -0.44 -0.56
CA TRP A 28 6.81 0.13 0.73
C TRP A 28 6.92 1.65 0.62
N THR A 29 7.04 2.12 -0.62
CA THR A 29 7.37 3.52 -0.89
C THR A 29 6.22 4.46 -0.54
N ARG A 30 6.57 5.68 -0.14
CA ARG A 30 5.59 6.70 0.17
C ARG A 30 4.90 7.20 -1.09
N PRO A 31 3.57 7.35 -1.02
CA PRO A 31 2.76 7.77 -2.16
C PRO A 31 3.00 9.23 -2.55
N ILE A 32 3.24 9.45 -3.83
CA ILE A 32 3.42 10.80 -4.36
C ILE A 32 2.05 11.48 -4.51
N MET A 33 1.00 10.70 -4.37
CA MET A 33 -0.38 11.17 -4.60
C MET A 33 -0.89 12.04 -3.51
N GLN A 34 -0.07 11.97 -2.63
CA GLN A 34 -0.21 12.48 -1.28
C GLN A 34 0.20 13.95 -1.22
N LEU A 35 0.78 14.44 -2.31
CA LEU A 35 1.20 15.83 -2.41
C LEU A 35 0.48 16.48 -3.59
N GLU B 1 14.07 -8.52 4.05
CA GLU B 1 12.68 -8.08 3.80
C GLU B 1 12.01 -9.01 2.81
N PRO B 3 9.09 -9.08 0.33
CA PRO B 3 8.22 -8.13 -0.34
C PRO B 3 6.73 -8.11 -0.17
N PRO B 4 6.23 -7.01 -0.76
CA PRO B 4 4.83 -6.60 -0.78
C PRO B 4 3.86 -7.70 -1.21
N PRO B 5 2.71 -7.76 -0.53
CA PRO B 5 1.56 -8.56 -0.97
C PRO B 5 0.93 -7.93 -2.21
N GLY B 6 0.33 -8.75 -3.06
CA GLY B 6 -0.17 -8.28 -4.35
C GLY B 6 -1.07 -7.04 -4.28
N TYR B 7 -1.44 -6.53 -5.45
CA TYR B 7 -2.16 -5.26 -5.55
C TYR B 7 -3.69 -5.44 -5.48
N LEU B 8 -4.33 -4.53 -4.72
CA LEU B 8 -5.75 -4.60 -4.38
C LEU B 8 -6.16 -5.95 -3.85
N SER B 9 -5.54 -6.28 -2.75
CA SER B 9 -5.98 -7.33 -1.87
C SER B 9 -5.72 -6.84 -0.46
N GLU B 10 -6.76 -6.35 0.20
CA GLU B 10 -6.59 -5.74 1.49
C GLU B 10 -7.43 -6.46 2.54
N ASP B 11 -6.77 -7.34 3.28
CA ASP B 11 -7.42 -8.16 4.30
C ASP B 11 -7.11 -7.62 5.69
N GLY B 12 -6.31 -6.57 5.73
CA GLY B 12 -5.95 -5.96 6.99
C GLY B 12 -6.99 -4.97 7.45
N GLY A 1 0.71 10.34 7.32
CA GLY A 1 -0.44 10.57 6.47
C GLY A 1 -0.68 9.46 5.47
N LEU A 2 -1.95 9.11 5.31
CA LEU A 2 -2.37 8.13 4.32
C LEU A 2 -3.15 8.85 3.23
N PRO A 3 -2.87 8.59 1.96
CA PRO A 3 -3.56 9.22 0.85
C PRO A 3 -4.79 8.41 0.44
N SER A 4 -5.89 9.10 0.33
CA SER A 4 -7.17 8.49 0.02
C SER A 4 -7.18 7.98 -1.43
N GLY A 5 -7.23 6.67 -1.61
CA GLY A 5 -7.27 6.13 -2.95
C GLY A 5 -6.54 4.81 -3.04
N TRP A 6 -5.64 4.58 -2.11
CA TRP A 6 -5.02 3.28 -1.95
C TRP A 6 -5.58 2.62 -0.71
N GLU A 7 -5.50 1.30 -0.64
CA GLU A 7 -5.79 0.63 0.61
C GLU A 7 -4.48 0.37 1.32
N GLU A 8 -4.46 0.45 2.63
CA GLU A 8 -3.24 0.17 3.36
C GLU A 8 -3.34 -1.11 4.17
N ARG A 9 -2.21 -1.76 4.34
CA ARG A 9 -2.12 -2.97 5.15
C ARG A 9 -0.77 -3.02 5.86
N LYS A 10 -0.81 -2.80 7.16
CA LYS A 10 0.39 -2.86 7.98
C LYS A 10 0.51 -4.25 8.60
N ASP A 11 1.39 -5.08 8.04
CA ASP A 11 1.49 -6.47 8.46
C ASP A 11 2.67 -6.68 9.39
N ALA A 12 2.50 -7.59 10.35
CA ALA A 12 3.48 -7.85 11.40
C ALA A 12 4.73 -8.53 10.87
N LYS A 13 4.81 -8.68 9.55
CA LYS A 13 6.02 -9.17 8.90
C LYS A 13 7.12 -8.13 9.00
N GLY A 14 6.77 -6.95 9.50
CA GLY A 14 7.74 -5.88 9.64
C GLY A 14 7.79 -5.04 8.39
N ARG A 15 6.67 -5.02 7.66
CA ARG A 15 6.59 -4.32 6.40
C ARG A 15 5.18 -3.79 6.14
N THR A 16 5.08 -2.48 5.91
CA THR A 16 3.81 -1.85 5.59
C THR A 16 3.81 -1.43 4.13
N TYR A 17 2.73 -1.74 3.42
CA TYR A 17 2.67 -1.42 2.00
C TYR A 17 1.36 -0.74 1.66
N TYR A 18 1.40 0.10 0.65
CA TYR A 18 0.22 0.82 0.21
C TYR A 18 -0.11 0.39 -1.23
N VAL A 19 -1.39 0.06 -1.48
CA VAL A 19 -1.79 -0.48 -2.78
C VAL A 19 -2.53 0.57 -3.60
N ASN A 20 -1.91 1.06 -4.64
CA ASN A 20 -2.51 2.13 -5.41
C ASN A 20 -3.39 1.61 -6.54
N HIS A 21 -4.65 2.06 -6.61
CA HIS A 21 -5.56 1.60 -7.67
C HIS A 21 -5.40 2.46 -8.89
N ASN A 22 -4.77 3.59 -8.67
CA ASN A 22 -4.67 4.66 -9.64
C ASN A 22 -3.51 4.39 -10.60
N ASN A 23 -2.55 3.62 -10.14
CA ASN A 23 -1.42 3.21 -10.97
C ASN A 23 -1.36 1.70 -11.08
N ARG A 24 -2.10 1.00 -10.21
CA ARG A 24 -2.08 -0.47 -10.14
C ARG A 24 -0.75 -0.95 -9.56
N THR A 25 -0.56 -0.72 -8.26
CA THR A 25 0.74 -0.95 -7.66
C THR A 25 0.65 -1.45 -6.20
N THR A 26 1.62 -2.30 -5.81
CA THR A 26 1.79 -2.72 -4.44
C THR A 26 3.24 -2.41 -4.02
N THR A 27 3.44 -1.51 -3.06
CA THR A 27 4.78 -0.99 -2.83
C THR A 27 5.03 -0.60 -1.38
N TRP A 28 6.29 -0.70 -0.97
CA TRP A 28 6.71 -0.23 0.35
C TRP A 28 6.82 1.29 0.36
N THR A 29 6.99 1.88 -0.82
CA THR A 29 7.33 3.28 -0.92
C THR A 29 6.15 4.16 -0.53
N ARG A 30 6.45 5.29 0.11
CA ARG A 30 5.42 6.20 0.54
C ARG A 30 4.79 6.92 -0.64
N PRO A 31 3.46 7.07 -0.60
CA PRO A 31 2.70 7.72 -1.66
C PRO A 31 2.96 9.22 -1.75
N ILE A 32 3.48 9.65 -2.89
CA ILE A 32 3.72 11.06 -3.15
C ILE A 32 2.40 11.73 -3.55
N MET A 33 1.37 10.91 -3.77
CA MET A 33 0.06 11.38 -4.27
C MET A 33 -0.70 12.18 -3.28
N GLN A 34 -0.09 12.09 -2.25
CA GLN A 34 -0.53 12.55 -0.94
C GLN A 34 -0.36 14.07 -0.82
N LEU A 35 0.50 14.63 -1.65
CA LEU A 35 0.83 16.04 -1.58
C LEU A 35 0.02 16.84 -2.59
N GLU B 1 13.96 -8.31 4.13
CA GLU B 1 12.60 -7.90 3.71
C GLU B 1 11.95 -8.97 2.84
N PRO B 3 9.05 -9.19 0.37
CA PRO B 3 8.17 -8.29 -0.36
C PRO B 3 6.69 -8.26 -0.19
N PRO B 4 6.19 -7.17 -0.81
CA PRO B 4 4.80 -6.76 -0.82
C PRO B 4 3.84 -7.87 -1.21
N PRO B 5 2.70 -7.93 -0.52
CA PRO B 5 1.57 -8.77 -0.91
C PRO B 5 0.92 -8.20 -2.18
N GLY B 6 0.33 -9.06 -3.00
CA GLY B 6 -0.21 -8.65 -4.30
C GLY B 6 -1.10 -7.42 -4.25
N TYR B 7 -1.38 -6.85 -5.42
CA TYR B 7 -2.05 -5.56 -5.51
C TYR B 7 -3.59 -5.68 -5.55
N LEU B 8 -4.27 -4.90 -4.69
CA LEU B 8 -5.72 -4.88 -4.55
C LEU B 8 -6.32 -6.23 -4.27
N SER B 9 -5.98 -6.70 -3.11
CA SER B 9 -6.75 -7.68 -2.40
C SER B 9 -6.49 -7.41 -0.95
N GLU B 10 -7.40 -6.72 -0.31
CA GLU B 10 -7.12 -6.18 1.01
C GLU B 10 -8.19 -6.63 1.98
N ASP B 11 -7.86 -7.65 2.76
CA ASP B 11 -8.80 -8.25 3.69
C ASP B 11 -8.81 -7.50 5.00
N GLY B 12 -7.76 -6.74 5.23
CA GLY B 12 -7.61 -6.02 6.47
C GLY B 12 -6.33 -6.39 7.16
N GLY A 1 -0.65 10.31 7.74
CA GLY A 1 -1.78 10.50 6.86
C GLY A 1 -1.76 9.53 5.69
N LEU A 2 -2.87 8.85 5.48
CA LEU A 2 -3.03 7.94 4.36
C LEU A 2 -3.72 8.68 3.22
N PRO A 3 -3.27 8.49 1.96
CA PRO A 3 -3.88 9.15 0.83
C PRO A 3 -5.02 8.33 0.24
N SER A 4 -6.07 9.03 -0.11
CA SER A 4 -7.29 8.42 -0.62
C SER A 4 -7.07 7.82 -2.01
N GLY A 5 -7.27 6.52 -2.15
CA GLY A 5 -7.12 5.89 -3.44
C GLY A 5 -6.25 4.66 -3.33
N TRP A 6 -5.60 4.52 -2.19
CA TRP A 6 -4.90 3.33 -1.85
C TRP A 6 -5.48 2.72 -0.58
N GLU A 7 -5.48 1.40 -0.50
CA GLU A 7 -5.81 0.75 0.74
C GLU A 7 -4.49 0.40 1.43
N GLU A 8 -4.48 0.37 2.76
CA GLU A 8 -3.23 0.07 3.45
C GLU A 8 -3.33 -1.18 4.29
N ARG A 9 -2.18 -1.83 4.42
CA ARG A 9 -2.08 -3.03 5.23
C ARG A 9 -0.70 -3.10 5.88
N LYS A 10 -0.69 -2.98 7.20
CA LYS A 10 0.54 -3.13 7.95
C LYS A 10 0.73 -4.59 8.35
N ASP A 11 1.72 -5.26 7.77
CA ASP A 11 1.98 -6.65 8.09
C ASP A 11 3.00 -6.72 9.22
N ALA A 12 2.76 -7.60 10.20
CA ALA A 12 3.56 -7.67 11.42
C ALA A 12 5.02 -8.04 11.14
N LYS A 13 5.30 -8.44 9.90
CA LYS A 13 6.65 -8.77 9.49
C LYS A 13 7.54 -7.52 9.45
N GLY A 14 6.95 -6.36 9.72
CA GLY A 14 7.70 -5.13 9.73
C GLY A 14 7.70 -4.47 8.37
N ARG A 15 6.75 -4.87 7.54
CA ARG A 15 6.64 -4.34 6.21
C ARG A 15 5.19 -3.93 5.92
N THR A 16 4.94 -2.63 6.00
CA THR A 16 3.64 -2.08 5.66
C THR A 16 3.72 -1.50 4.25
N TYR A 17 2.66 -1.66 3.49
CA TYR A 17 2.68 -1.22 2.10
C TYR A 17 1.38 -0.55 1.72
N TYR A 18 1.48 0.38 0.78
CA TYR A 18 0.33 1.11 0.30
C TYR A 18 -0.01 0.63 -1.12
N VAL A 19 -1.29 0.30 -1.36
CA VAL A 19 -1.71 -0.28 -2.64
C VAL A 19 -2.49 0.72 -3.46
N ASN A 20 -1.94 1.19 -4.55
CA ASN A 20 -2.60 2.20 -5.33
C ASN A 20 -3.53 1.60 -6.38
N HIS A 21 -4.82 1.98 -6.41
CA HIS A 21 -5.76 1.43 -7.38
C HIS A 21 -5.66 2.18 -8.67
N ASN A 22 -5.02 3.32 -8.56
CA ASN A 22 -5.00 4.32 -9.60
C ASN A 22 -3.87 4.02 -10.59
N ASN A 23 -2.75 3.56 -10.07
CA ASN A 23 -1.63 3.13 -10.91
C ASN A 23 -1.56 1.61 -10.96
N ARG A 24 -2.28 0.96 -10.04
CA ARG A 24 -2.25 -0.50 -9.90
C ARG A 24 -0.90 -0.94 -9.36
N THR A 25 -0.64 -0.65 -8.10
CA THR A 25 0.69 -0.85 -7.56
C THR A 25 0.67 -1.31 -6.08
N THR A 26 1.67 -2.10 -5.70
CA THR A 26 1.88 -2.51 -4.32
C THR A 26 3.33 -2.21 -3.95
N THR A 27 3.57 -1.29 -3.00
CA THR A 27 4.93 -0.81 -2.79
C THR A 27 5.20 -0.38 -1.35
N TRP A 28 6.47 -0.52 -0.93
CA TRP A 28 6.93 0.03 0.34
C TRP A 28 7.11 1.54 0.21
N THR A 29 7.07 2.02 -1.04
CA THR A 29 7.36 3.42 -1.33
C THR A 29 6.24 4.33 -0.85
N ARG A 30 6.61 5.55 -0.47
CA ARG A 30 5.65 6.55 -0.04
C ARG A 30 4.81 7.04 -1.23
N PRO A 31 3.50 7.17 -1.02
CA PRO A 31 2.56 7.57 -2.08
C PRO A 31 2.74 9.02 -2.49
N ILE A 32 2.87 9.23 -3.80
CA ILE A 32 3.05 10.57 -4.37
C ILE A 32 1.80 11.44 -4.16
N MET A 33 0.70 10.80 -3.74
CA MET A 33 -0.58 11.51 -3.59
C MET A 33 -0.67 12.28 -2.34
N GLN A 34 0.30 11.97 -1.70
CA GLN A 34 0.58 12.38 -0.33
C GLN A 34 1.89 13.16 -0.25
N LEU A 35 2.96 12.50 -0.74
CA LEU A 35 4.34 13.01 -0.72
C LEU A 35 4.88 13.11 0.71
N GLU B 1 13.83 -8.64 4.04
CA GLU B 1 12.50 -8.24 3.52
C GLU B 1 12.04 -9.21 2.44
N PRO B 3 9.27 -8.97 -0.18
CA PRO B 3 8.41 -7.94 -0.74
C PRO B 3 6.92 -7.98 -0.63
N PRO B 4 6.41 -6.83 -1.11
CA PRO B 4 5.01 -6.43 -1.06
C PRO B 4 4.03 -7.49 -1.54
N PRO B 5 2.95 -7.67 -0.77
CA PRO B 5 1.82 -8.52 -1.16
C PRO B 5 1.05 -7.90 -2.31
N GLY B 6 0.43 -8.72 -3.14
CA GLY B 6 -0.18 -8.26 -4.39
C GLY B 6 -1.10 -7.04 -4.27
N TYR B 7 -1.50 -6.52 -5.43
CA TYR B 7 -2.23 -5.26 -5.51
C TYR B 7 -3.76 -5.42 -5.40
N LEU B 8 -4.37 -4.67 -4.45
CA LEU B 8 -5.81 -4.68 -4.20
C LEU B 8 -6.32 -6.02 -3.76
N SER B 9 -5.47 -6.72 -3.06
CA SER B 9 -5.93 -7.75 -2.18
C SER B 9 -5.76 -7.19 -0.78
N GLU B 10 -6.86 -6.72 -0.21
CA GLU B 10 -6.81 -6.02 1.06
C GLU B 10 -7.84 -6.59 2.01
N ASP B 11 -7.37 -7.25 3.04
CA ASP B 11 -8.24 -7.88 4.01
C ASP B 11 -8.67 -6.87 5.08
N GLY B 12 -9.98 -6.74 5.25
CA GLY B 12 -10.52 -5.78 6.18
C GLY B 12 -11.92 -5.36 5.78
N GLY A 1 0.63 9.09 7.14
CA GLY A 1 0.22 9.87 5.99
C GLY A 1 -0.33 9.00 4.89
N LEU A 2 -1.65 8.99 4.76
CA LEU A 2 -2.31 8.11 3.82
C LEU A 2 -3.01 8.92 2.73
N PRO A 3 -2.72 8.63 1.46
CA PRO A 3 -3.34 9.34 0.35
C PRO A 3 -4.62 8.66 -0.10
N SER A 4 -5.54 9.49 -0.51
CA SER A 4 -6.85 9.04 -0.95
C SER A 4 -6.74 8.27 -2.28
N GLY A 5 -7.04 6.97 -2.26
CA GLY A 5 -7.01 6.21 -3.49
C GLY A 5 -6.26 4.90 -3.34
N TRP A 6 -5.58 4.73 -2.21
CA TRP A 6 -4.93 3.50 -1.89
C TRP A 6 -5.55 2.87 -0.64
N GLU A 7 -5.45 1.56 -0.51
CA GLU A 7 -5.79 0.92 0.75
C GLU A 7 -4.50 0.65 1.52
N GLU A 8 -4.57 0.66 2.84
CA GLU A 8 -3.36 0.45 3.63
C GLU A 8 -3.38 -0.87 4.38
N ARG A 9 -2.19 -1.44 4.54
CA ARG A 9 -2.03 -2.69 5.28
C ARG A 9 -0.66 -2.75 5.92
N LYS A 10 -0.64 -3.20 7.15
CA LYS A 10 0.59 -3.43 7.87
C LYS A 10 0.64 -4.90 8.29
N ASP A 11 1.54 -5.67 7.70
CA ASP A 11 1.66 -7.09 8.03
C ASP A 11 2.62 -7.27 9.19
N ALA A 12 2.28 -8.16 10.11
CA ALA A 12 3.06 -8.35 11.33
C ALA A 12 4.42 -8.95 11.05
N LYS A 13 4.69 -9.23 9.78
CA LYS A 13 5.99 -9.71 9.35
C LYS A 13 7.01 -8.57 9.31
N GLY A 14 6.55 -7.37 9.65
CA GLY A 14 7.45 -6.23 9.73
C GLY A 14 7.55 -5.49 8.42
N ARG A 15 6.51 -5.57 7.62
CA ARG A 15 6.47 -4.89 6.33
C ARG A 15 5.07 -4.32 6.06
N THR A 16 4.97 -3.00 6.07
CA THR A 16 3.71 -2.32 5.79
C THR A 16 3.77 -1.72 4.39
N TYR A 17 2.64 -1.70 3.69
CA TYR A 17 2.65 -1.33 2.29
C TYR A 17 1.35 -0.67 1.88
N TYR A 18 1.44 0.22 0.90
CA TYR A 18 0.27 0.94 0.39
C TYR A 18 -0.04 0.50 -1.04
N VAL A 19 -1.33 0.31 -1.34
CA VAL A 19 -1.75 -0.21 -2.66
C VAL A 19 -2.53 0.83 -3.45
N ASN A 20 -1.99 1.27 -4.58
CA ASN A 20 -2.64 2.30 -5.38
C ASN A 20 -3.54 1.70 -6.46
N HIS A 21 -4.83 2.08 -6.50
CA HIS A 21 -5.76 1.52 -7.50
C HIS A 21 -5.67 2.31 -8.78
N ASN A 22 -5.05 3.46 -8.64
CA ASN A 22 -5.00 4.46 -9.68
C ASN A 22 -3.83 4.18 -10.63
N ASN A 23 -2.83 3.48 -10.12
CA ASN A 23 -1.67 3.09 -10.92
C ASN A 23 -1.55 1.57 -10.95
N ARG A 24 -2.28 0.90 -10.05
CA ARG A 24 -2.24 -0.56 -9.91
C ARG A 24 -0.88 -0.98 -9.35
N THR A 25 -0.65 -0.66 -8.08
CA THR A 25 0.69 -0.80 -7.51
C THR A 25 0.68 -1.21 -6.02
N THR A 26 1.74 -1.93 -5.60
CA THR A 26 1.94 -2.33 -4.21
C THR A 26 3.37 -1.96 -3.79
N THR A 27 3.54 -1.14 -2.74
CA THR A 27 4.86 -0.60 -2.45
C THR A 27 5.10 -0.32 -0.96
N TRP A 28 6.36 -0.42 -0.53
CA TRP A 28 6.77 -0.03 0.83
C TRP A 28 6.83 1.50 0.95
N THR A 29 7.08 2.15 -0.17
CA THR A 29 7.40 3.56 -0.21
C THR A 29 6.16 4.44 0.00
N ARG A 30 6.34 5.59 0.63
CA ARG A 30 5.25 6.53 0.85
C ARG A 30 4.80 7.15 -0.46
N PRO A 31 3.49 7.22 -0.66
CA PRO A 31 2.87 7.66 -1.91
C PRO A 31 3.03 9.16 -2.17
N ILE A 32 3.38 9.49 -3.41
CA ILE A 32 3.45 10.88 -3.86
C ILE A 32 2.06 11.45 -4.12
N MET A 33 1.04 10.57 -4.09
CA MET A 33 -0.36 10.96 -4.38
C MET A 33 -0.98 11.80 -3.32
N GLN A 34 -0.18 11.81 -2.42
CA GLN A 34 -0.40 12.33 -1.09
C GLN A 34 -0.21 13.85 -1.08
N LEU A 35 0.48 14.35 -2.11
CA LEU A 35 0.75 15.76 -2.23
C LEU A 35 -0.15 16.38 -3.29
N GLU B 1 14.24 -8.39 3.77
CA GLU B 1 12.80 -8.11 3.54
C GLU B 1 12.27 -8.91 2.37
N PRO B 3 9.43 -8.91 -0.22
CA PRO B 3 8.49 -7.93 -0.78
C PRO B 3 7.00 -8.02 -0.62
N PRO B 4 6.43 -6.89 -1.09
CA PRO B 4 5.03 -6.51 -1.00
C PRO B 4 4.03 -7.60 -1.44
N PRO B 5 2.92 -7.67 -0.71
CA PRO B 5 1.73 -8.45 -1.09
C PRO B 5 1.02 -7.81 -2.28
N GLY B 6 0.35 -8.62 -3.09
CA GLY B 6 -0.27 -8.15 -4.33
C GLY B 6 -1.16 -6.92 -4.17
N TYR B 7 -1.60 -6.39 -5.30
CA TYR B 7 -2.30 -5.12 -5.34
C TYR B 7 -3.83 -5.25 -5.18
N LEU B 8 -4.40 -4.45 -4.25
CA LEU B 8 -5.83 -4.47 -3.91
C LEU B 8 -6.27 -5.74 -3.23
N SER B 9 -5.31 -6.52 -2.81
CA SER B 9 -5.60 -7.57 -1.87
C SER B 9 -5.40 -6.98 -0.48
N GLU B 10 -6.50 -6.60 0.16
CA GLU B 10 -6.41 -5.88 1.42
C GLU B 10 -7.33 -6.51 2.47
N ASP B 11 -6.71 -7.14 3.46
CA ASP B 11 -7.46 -7.73 4.58
C ASP B 11 -7.95 -6.64 5.53
N GLY B 12 -9.26 -6.56 5.71
CA GLY B 12 -9.83 -5.59 6.60
C GLY B 12 -11.02 -6.14 7.34
N GLY A 1 0.52 11.43 6.69
CA GLY A 1 -0.84 11.26 6.21
C GLY A 1 -1.00 10.11 5.23
N LEU A 2 -2.17 9.52 5.22
CA LEU A 2 -2.51 8.46 4.28
C LEU A 2 -3.31 9.07 3.13
N PRO A 3 -2.96 8.74 1.87
CA PRO A 3 -3.67 9.27 0.73
C PRO A 3 -4.83 8.38 0.33
N SER A 4 -5.99 8.99 0.21
CA SER A 4 -7.22 8.27 -0.10
C SER A 4 -7.18 7.78 -1.55
N GLY A 5 -7.30 6.47 -1.74
CA GLY A 5 -7.26 5.92 -3.08
C GLY A 5 -6.47 4.64 -3.09
N TRP A 6 -5.64 4.50 -2.07
CA TRP A 6 -4.97 3.26 -1.80
C TRP A 6 -5.55 2.63 -0.55
N GLU A 7 -5.51 1.32 -0.45
CA GLU A 7 -5.84 0.69 0.81
C GLU A 7 -4.56 0.38 1.53
N GLU A 8 -4.48 0.67 2.82
CA GLU A 8 -3.26 0.41 3.56
C GLU A 8 -3.33 -0.89 4.30
N ARG A 9 -2.17 -1.50 4.47
CA ARG A 9 -2.06 -2.76 5.20
C ARG A 9 -0.73 -2.85 5.92
N LYS A 10 -0.78 -2.81 7.23
CA LYS A 10 0.37 -3.01 8.06
C LYS A 10 0.46 -4.49 8.43
N ASP A 11 1.37 -5.23 7.80
CA ASP A 11 1.40 -6.67 7.94
C ASP A 11 2.32 -7.05 9.11
N ALA A 12 1.88 -8.05 9.90
CA ALA A 12 2.58 -8.44 11.12
C ALA A 12 3.90 -9.14 10.81
N LYS A 13 4.18 -9.34 9.52
CA LYS A 13 5.46 -9.91 9.11
C LYS A 13 6.56 -8.85 9.12
N GLY A 14 6.20 -7.64 9.57
CA GLY A 14 7.19 -6.58 9.75
C GLY A 14 7.36 -5.73 8.52
N ARG A 15 6.33 -5.69 7.69
CA ARG A 15 6.38 -4.95 6.43
C ARG A 15 5.00 -4.38 6.08
N THR A 16 4.87 -3.07 6.12
CA THR A 16 3.62 -2.40 5.77
C THR A 16 3.70 -1.86 4.35
N TYR A 17 2.60 -1.92 3.61
CA TYR A 17 2.60 -1.52 2.22
C TYR A 17 1.31 -0.83 1.83
N TYR A 18 1.39 0.08 0.88
CA TYR A 18 0.24 0.82 0.40
C TYR A 18 -0.06 0.43 -1.06
N VAL A 19 -1.32 0.16 -1.37
CA VAL A 19 -1.70 -0.35 -2.69
C VAL A 19 -2.49 0.67 -3.47
N ASN A 20 -1.95 1.14 -4.58
CA ASN A 20 -2.62 2.18 -5.33
C ASN A 20 -3.52 1.61 -6.43
N HIS A 21 -4.82 1.96 -6.44
CA HIS A 21 -5.75 1.45 -7.46
C HIS A 21 -5.70 2.35 -8.67
N ASN A 22 -5.12 3.50 -8.45
CA ASN A 22 -5.10 4.57 -9.41
C ASN A 22 -3.97 4.37 -10.43
N ASN A 23 -2.94 3.67 -9.99
CA ASN A 23 -1.80 3.34 -10.85
C ASN A 23 -1.62 1.83 -10.97
N ARG A 24 -2.28 1.09 -10.09
CA ARG A 24 -2.14 -0.37 -10.02
C ARG A 24 -0.77 -0.77 -9.49
N THR A 25 -0.54 -0.52 -8.20
CA THR A 25 0.79 -0.69 -7.63
C THR A 25 0.76 -1.17 -6.17
N THR A 26 1.79 -1.94 -5.77
CA THR A 26 1.98 -2.37 -4.40
C THR A 26 3.41 -2.01 -3.96
N THR A 27 3.57 -1.20 -2.92
CA THR A 27 4.89 -0.69 -2.58
C THR A 27 5.08 -0.41 -1.09
N TRP A 28 6.33 -0.54 -0.62
CA TRP A 28 6.71 -0.12 0.74
C TRP A 28 6.76 1.40 0.81
N THR A 29 6.97 2.01 -0.35
CA THR A 29 7.30 3.43 -0.43
C THR A 29 6.10 4.33 -0.13
N ARG A 30 6.37 5.49 0.45
CA ARG A 30 5.34 6.46 0.72
C ARG A 30 4.83 7.05 -0.58
N PRO A 31 3.50 7.19 -0.70
CA PRO A 31 2.85 7.62 -1.94
C PRO A 31 3.12 9.08 -2.26
N ILE A 32 3.35 9.35 -3.53
CA ILE A 32 3.49 10.72 -4.02
C ILE A 32 2.09 11.37 -4.13
N MET A 33 1.07 10.52 -3.98
CA MET A 33 -0.34 10.93 -4.13
C MET A 33 -0.86 11.66 -2.97
N GLN A 34 0.01 11.61 -2.13
CA GLN A 34 -0.12 11.98 -0.73
C GLN A 34 -0.04 13.50 -0.57
N LEU A 35 0.67 14.15 -1.49
CA LEU A 35 0.85 15.59 -1.44
C LEU A 35 0.63 16.19 -2.82
N GLU B 1 14.27 -8.21 4.01
CA GLU B 1 12.83 -7.95 3.80
C GLU B 1 12.29 -8.82 2.67
N PRO B 3 9.49 -8.98 0.09
CA PRO B 3 8.57 -8.03 -0.54
C PRO B 3 7.07 -8.10 -0.41
N PRO B 4 6.52 -6.99 -0.96
CA PRO B 4 5.10 -6.64 -0.97
C PRO B 4 4.19 -7.74 -1.48
N PRO B 5 3.01 -7.86 -0.86
CA PRO B 5 1.91 -8.66 -1.37
C PRO B 5 1.33 -8.01 -2.63
N GLY B 6 0.80 -8.81 -3.53
CA GLY B 6 0.26 -8.30 -4.80
C GLY B 6 -0.72 -7.14 -4.63
N TYR B 7 -1.14 -6.57 -5.75
CA TYR B 7 -1.90 -5.33 -5.73
C TYR B 7 -3.42 -5.57 -5.63
N LEU B 8 -4.06 -4.89 -4.65
CA LEU B 8 -5.49 -4.98 -4.40
C LEU B 8 -5.97 -6.34 -3.99
N SER B 9 -5.57 -6.68 -2.80
CA SER B 9 -6.19 -7.70 -2.02
C SER B 9 -6.00 -7.30 -0.57
N GLU B 10 -7.03 -6.71 0.01
CA GLU B 10 -6.89 -6.05 1.29
C GLU B 10 -7.95 -6.57 2.25
N ASP B 11 -7.52 -7.47 3.12
CA ASP B 11 -8.42 -8.19 4.02
C ASP B 11 -8.54 -7.50 5.36
N GLY B 12 -7.88 -6.36 5.49
CA GLY B 12 -7.92 -5.64 6.74
C GLY B 12 -8.14 -4.16 6.51
N GLY A 1 1.48 10.71 6.65
CA GLY A 1 0.15 10.80 6.08
C GLY A 1 -0.21 9.61 5.23
N LEU A 2 -1.51 9.30 5.20
CA LEU A 2 -2.04 8.26 4.35
C LEU A 2 -2.96 8.90 3.31
N PRO A 3 -2.82 8.52 2.03
CA PRO A 3 -3.63 9.10 0.97
C PRO A 3 -4.92 8.32 0.76
N SER A 4 -6.01 9.04 0.71
CA SER A 4 -7.32 8.46 0.48
C SER A 4 -7.41 7.97 -0.96
N GLY A 5 -7.46 6.65 -1.14
CA GLY A 5 -7.57 6.11 -2.48
C GLY A 5 -6.94 4.75 -2.58
N TRP A 6 -5.93 4.50 -1.76
CA TRP A 6 -5.33 3.19 -1.68
C TRP A 6 -5.85 2.44 -0.47
N GLU A 7 -5.63 1.14 -0.43
CA GLU A 7 -5.88 0.37 0.77
C GLU A 7 -4.55 0.09 1.45
N GLU A 8 -4.37 0.56 2.68
CA GLU A 8 -3.15 0.28 3.41
C GLU A 8 -3.28 -0.97 4.26
N ARG A 9 -2.15 -1.62 4.45
CA ARG A 9 -2.09 -2.82 5.29
C ARG A 9 -0.76 -2.92 6.01
N LYS A 10 -0.83 -2.89 7.34
CA LYS A 10 0.33 -3.16 8.16
C LYS A 10 0.36 -4.64 8.52
N ASP A 11 1.18 -5.41 7.82
CA ASP A 11 1.25 -6.84 8.06
C ASP A 11 2.29 -7.16 9.12
N ALA A 12 2.01 -8.21 9.89
CA ALA A 12 2.86 -8.62 11.01
C ALA A 12 4.25 -9.06 10.54
N LYS A 13 4.44 -9.09 9.22
CA LYS A 13 5.76 -9.28 8.64
C LYS A 13 6.70 -8.14 9.03
N GLY A 14 6.11 -7.05 9.52
CA GLY A 14 6.88 -5.89 9.87
C GLY A 14 7.03 -4.94 8.70
N ARG A 15 6.09 -5.06 7.76
CA ARG A 15 6.17 -4.29 6.52
C ARG A 15 4.78 -3.73 6.15
N THR A 16 4.70 -2.40 6.07
CA THR A 16 3.46 -1.74 5.70
C THR A 16 3.45 -1.45 4.20
N TYR A 17 2.41 -1.88 3.48
CA TYR A 17 2.37 -1.61 2.05
C TYR A 17 1.03 -1.04 1.65
N TYR A 18 1.03 -0.22 0.61
CA TYR A 18 -0.18 0.45 0.17
C TYR A 18 -0.44 0.14 -1.30
N VAL A 19 -1.66 -0.30 -1.62
CA VAL A 19 -2.02 -0.60 -3.01
C VAL A 19 -2.82 0.53 -3.65
N ASN A 20 -2.27 1.16 -4.68
CA ASN A 20 -2.96 2.25 -5.33
C ASN A 20 -3.81 1.73 -6.50
N HIS A 21 -5.12 2.00 -6.48
CA HIS A 21 -6.02 1.46 -7.52
C HIS A 21 -5.92 2.30 -8.75
N ASN A 22 -5.34 3.45 -8.54
CA ASN A 22 -5.22 4.47 -9.55
C ASN A 22 -4.06 4.14 -10.49
N ASN A 23 -2.88 3.90 -9.93
CA ASN A 23 -1.69 3.58 -10.73
C ASN A 23 -1.52 2.07 -10.89
N ARG A 24 -2.24 1.29 -10.08
CA ARG A 24 -2.10 -0.17 -10.08
C ARG A 24 -0.75 -0.57 -9.50
N THR A 25 -0.59 -0.38 -8.19
CA THR A 25 0.72 -0.53 -7.58
C THR A 25 0.66 -1.16 -6.17
N THR A 26 1.72 -1.91 -5.80
CA THR A 26 1.87 -2.50 -4.48
C THR A 26 3.26 -2.16 -3.94
N THR A 27 3.36 -1.32 -2.92
CA THR A 27 4.68 -0.83 -2.52
C THR A 27 4.81 -0.50 -1.04
N TRP A 28 6.04 -0.66 -0.51
CA TRP A 28 6.38 -0.21 0.83
C TRP A 28 6.41 1.32 0.88
N THR A 29 6.58 1.92 -0.29
CA THR A 29 6.86 3.34 -0.39
C THR A 29 5.65 4.20 -0.01
N ARG A 30 5.92 5.29 0.69
CA ARG A 30 4.88 6.25 1.00
C ARG A 30 4.45 6.98 -0.26
N PRO A 31 3.15 7.19 -0.42
CA PRO A 31 2.57 7.75 -1.63
C PRO A 31 2.92 9.23 -1.82
N ILE A 32 3.65 9.50 -2.90
CA ILE A 32 4.05 10.85 -3.26
C ILE A 32 2.87 11.61 -3.87
N MET A 33 1.79 10.87 -4.14
CA MET A 33 0.64 11.40 -4.88
C MET A 33 -0.19 12.34 -4.08
N GLN A 34 0.25 12.28 -2.96
CA GLN A 34 -0.35 12.84 -1.77
C GLN A 34 0.02 14.33 -1.62
N LEU A 35 1.10 14.72 -2.29
CA LEU A 35 1.53 16.11 -2.25
C LEU A 35 1.77 16.61 -3.68
N GLU B 1 13.97 -8.22 4.42
CA GLU B 1 12.55 -7.91 4.11
C GLU B 1 12.04 -8.84 3.02
N PRO B 3 9.32 -8.98 0.36
CA PRO B 3 8.41 -8.08 -0.32
C PRO B 3 6.92 -8.19 -0.26
N PRO B 4 6.36 -7.09 -0.80
CA PRO B 4 4.94 -6.78 -0.84
C PRO B 4 4.05 -7.90 -1.36
N PRO B 5 2.86 -7.99 -0.77
CA PRO B 5 1.76 -8.79 -1.31
C PRO B 5 1.23 -8.14 -2.58
N GLY B 6 0.71 -8.93 -3.50
CA GLY B 6 0.25 -8.40 -4.78
C GLY B 6 -0.67 -7.19 -4.65
N TYR B 7 -1.02 -6.58 -5.78
CA TYR B 7 -1.75 -5.32 -5.77
C TYR B 7 -3.27 -5.53 -5.74
N LEU B 8 -3.95 -4.76 -4.86
CA LEU B 8 -5.37 -4.89 -4.58
C LEU B 8 -5.78 -6.30 -4.24
N SER B 9 -5.30 -6.72 -3.09
CA SER B 9 -5.86 -7.83 -2.37
C SER B 9 -5.60 -7.54 -0.91
N GLU B 10 -6.61 -7.04 -0.23
CA GLU B 10 -6.38 -6.43 1.06
C GLU B 10 -7.18 -7.12 2.16
N ASP B 11 -6.45 -7.84 2.99
CA ASP B 11 -7.03 -8.57 4.11
C ASP B 11 -7.34 -7.62 5.26
N GLY B 12 -8.60 -7.57 5.64
CA GLY B 12 -9.02 -6.69 6.71
C GLY B 12 -10.23 -7.23 7.44
N GLY A 1 0.80 10.32 6.85
CA GLY A 1 -0.16 10.72 5.85
C GLY A 1 -0.54 9.58 4.93
N LEU A 2 -1.84 9.30 4.85
CA LEU A 2 -2.33 8.28 3.95
C LEU A 2 -3.21 8.92 2.88
N PRO A 3 -2.96 8.60 1.60
CA PRO A 3 -3.73 9.15 0.50
C PRO A 3 -4.93 8.27 0.18
N SER A 4 -6.07 8.89 0.09
CA SER A 4 -7.30 8.19 -0.22
C SER A 4 -7.28 7.73 -1.68
N GLY A 5 -7.43 6.43 -1.92
CA GLY A 5 -7.37 5.91 -3.26
C GLY A 5 -6.55 4.66 -3.28
N TRP A 6 -5.77 4.47 -2.24
CA TRP A 6 -5.11 3.23 -1.98
C TRP A 6 -5.69 2.58 -0.74
N GLU A 7 -5.42 1.29 -0.56
CA GLU A 7 -5.70 0.66 0.71
C GLU A 7 -4.38 0.45 1.42
N GLU A 8 -4.34 0.59 2.73
CA GLU A 8 -3.10 0.39 3.46
C GLU A 8 -3.16 -0.85 4.30
N ARG A 9 -2.01 -1.45 4.50
CA ARG A 9 -1.89 -2.65 5.31
C ARG A 9 -0.53 -2.72 5.99
N LYS A 10 -0.54 -2.57 7.30
CA LYS A 10 0.64 -2.81 8.10
C LYS A 10 0.64 -4.27 8.51
N ASP A 11 1.42 -5.09 7.80
CA ASP A 11 1.36 -6.53 8.02
C ASP A 11 2.35 -6.94 9.09
N ALA A 12 1.94 -7.93 9.90
CA ALA A 12 2.69 -8.36 11.07
C ALA A 12 4.04 -8.97 10.71
N LYS A 13 4.27 -9.26 9.43
CA LYS A 13 5.57 -9.74 8.98
C LYS A 13 6.62 -8.63 9.02
N GLY A 14 6.19 -7.44 9.43
CA GLY A 14 7.13 -6.36 9.66
C GLY A 14 7.38 -5.51 8.44
N ARG A 15 6.37 -5.38 7.60
CA ARG A 15 6.48 -4.59 6.38
C ARG A 15 5.15 -3.93 6.03
N THR A 16 5.17 -2.61 5.88
CA THR A 16 3.96 -1.84 5.62
C THR A 16 3.90 -1.44 4.15
N TYR A 17 2.78 -1.71 3.48
CA TYR A 17 2.69 -1.42 2.06
C TYR A 17 1.35 -0.81 1.71
N TYR A 18 1.35 0.02 0.67
CA TYR A 18 0.14 0.70 0.23
C TYR A 18 -0.17 0.32 -1.22
N VAL A 19 -1.44 0.04 -1.50
CA VAL A 19 -1.85 -0.46 -2.81
C VAL A 19 -2.63 0.59 -3.60
N ASN A 20 -2.07 1.07 -4.70
CA ASN A 20 -2.70 2.12 -5.47
C ASN A 20 -3.59 1.55 -6.59
N HIS A 21 -4.88 1.90 -6.61
CA HIS A 21 -5.80 1.37 -7.63
C HIS A 21 -5.70 2.20 -8.88
N ASN A 22 -5.10 3.35 -8.70
CA ASN A 22 -5.02 4.37 -9.72
C ASN A 22 -3.93 4.03 -10.74
N ASN A 23 -2.89 3.33 -10.28
CA ASN A 23 -1.78 2.95 -11.15
C ASN A 23 -1.65 1.43 -11.23
N ARG A 24 -2.31 0.73 -10.30
CA ARG A 24 -2.18 -0.73 -10.16
C ARG A 24 -0.82 -1.07 -9.57
N THR A 25 -0.63 -0.76 -8.29
CA THR A 25 0.71 -0.87 -7.70
C THR A 25 0.66 -1.33 -6.23
N THR A 26 1.72 -2.04 -5.80
CA THR A 26 1.90 -2.46 -4.41
C THR A 26 3.32 -2.09 -3.95
N THR A 27 3.45 -1.25 -2.92
CA THR A 27 4.76 -0.67 -2.62
C THR A 27 4.95 -0.37 -1.13
N TRP A 28 6.22 -0.44 -0.68
CA TRP A 28 6.59 -0.07 0.70
C TRP A 28 6.56 1.43 0.89
N THR A 29 6.69 2.16 -0.21
CA THR A 29 6.94 3.60 -0.16
C THR A 29 5.68 4.40 0.19
N ARG A 30 5.87 5.52 0.88
CA ARG A 30 4.79 6.46 1.14
C ARG A 30 4.39 7.13 -0.16
N PRO A 31 3.09 7.19 -0.43
CA PRO A 31 2.56 7.70 -1.70
C PRO A 31 2.77 9.21 -1.86
N ILE A 32 3.40 9.57 -2.98
CA ILE A 32 3.68 10.97 -3.30
C ILE A 32 2.38 11.71 -3.65
N MET A 33 1.30 10.96 -3.79
CA MET A 33 0.02 11.52 -4.29
C MET A 33 -0.68 12.37 -3.31
N GLN A 34 -0.08 12.26 -2.28
CA GLN A 34 -0.51 12.78 -0.99
C GLN A 34 0.17 14.11 -0.72
N LEU A 35 1.41 14.25 -1.16
CA LEU A 35 2.19 15.45 -0.91
C LEU A 35 2.07 16.41 -2.08
N GLU B 1 14.26 -8.08 3.45
CA GLU B 1 12.79 -7.88 3.57
C GLU B 1 12.08 -8.73 2.52
N PRO B 3 9.26 -8.95 0.12
CA PRO B 3 8.36 -8.00 -0.52
C PRO B 3 6.88 -8.01 -0.33
N PRO B 4 6.36 -6.90 -0.91
CA PRO B 4 4.95 -6.53 -0.92
C PRO B 4 4.04 -7.63 -1.43
N PRO B 5 2.88 -7.76 -0.80
CA PRO B 5 1.80 -8.62 -1.27
C PRO B 5 1.20 -8.03 -2.54
N GLY B 6 0.67 -8.88 -3.42
CA GLY B 6 0.13 -8.44 -4.70
C GLY B 6 -0.83 -7.25 -4.58
N TYR B 7 -1.24 -6.71 -5.72
CA TYR B 7 -1.97 -5.45 -5.73
C TYR B 7 -3.49 -5.66 -5.61
N LEU B 8 -4.10 -5.04 -4.57
CA LEU B 8 -5.53 -5.09 -4.30
C LEU B 8 -6.03 -6.46 -3.89
N SER B 9 -5.61 -6.81 -2.71
CA SER B 9 -6.25 -7.82 -1.91
C SER B 9 -5.99 -7.42 -0.48
N GLU B 10 -6.99 -6.79 0.13
CA GLU B 10 -6.78 -6.13 1.41
C GLU B 10 -7.85 -6.56 2.38
N ASP B 11 -7.48 -7.45 3.29
CA ASP B 11 -8.43 -8.02 4.23
C ASP B 11 -8.45 -7.22 5.52
N GLY B 12 -7.54 -6.27 5.62
CA GLY B 12 -7.45 -5.43 6.79
C GLY B 12 -6.23 -5.74 7.62
N GLY A 1 0.39 10.74 6.57
CA GLY A 1 -0.84 10.92 5.82
C GLY A 1 -1.13 9.77 4.88
N LEU A 2 -2.35 9.26 4.97
CA LEU A 2 -2.80 8.20 4.08
C LEU A 2 -3.56 8.84 2.92
N PRO A 3 -3.29 8.43 1.67
CA PRO A 3 -3.94 9.00 0.51
C PRO A 3 -5.23 8.26 0.17
N SER A 4 -6.26 9.01 -0.05
CA SER A 4 -7.55 8.46 -0.41
C SER A 4 -7.49 7.89 -1.82
N GLY A 5 -7.52 6.56 -1.93
CA GLY A 5 -7.40 5.94 -3.24
C GLY A 5 -6.53 4.71 -3.18
N TRP A 6 -5.76 4.58 -2.10
CA TRP A 6 -5.05 3.37 -1.81
C TRP A 6 -5.66 2.65 -0.62
N GLU A 7 -5.37 1.37 -0.47
CA GLU A 7 -5.72 0.68 0.76
C GLU A 7 -4.45 0.52 1.59
N GLU A 8 -4.56 0.59 2.90
CA GLU A 8 -3.40 0.41 3.75
C GLU A 8 -3.42 -0.94 4.45
N ARG A 9 -2.22 -1.48 4.63
CA ARG A 9 -2.04 -2.76 5.31
C ARG A 9 -0.70 -2.82 6.02
N LYS A 10 -0.72 -3.15 7.29
CA LYS A 10 0.50 -3.34 8.06
C LYS A 10 0.59 -4.79 8.51
N ASP A 11 1.45 -5.58 7.85
CA ASP A 11 1.57 -6.99 8.19
C ASP A 11 2.67 -7.17 9.24
N ALA A 12 2.43 -8.10 10.17
CA ALA A 12 3.29 -8.28 11.33
C ALA A 12 4.69 -8.76 10.96
N LYS A 13 4.90 -9.08 9.69
CA LYS A 13 6.21 -9.54 9.24
C LYS A 13 7.20 -8.37 9.16
N GLY A 14 6.75 -7.19 9.55
CA GLY A 14 7.62 -6.03 9.60
C GLY A 14 7.66 -5.27 8.29
N ARG A 15 6.55 -5.30 7.57
CA ARG A 15 6.44 -4.60 6.30
C ARG A 15 5.01 -4.13 6.05
N THR A 16 4.81 -2.82 6.08
CA THR A 16 3.52 -2.22 5.77
C THR A 16 3.57 -1.62 4.37
N TYR A 17 2.50 -1.78 3.61
CA TYR A 17 2.49 -1.34 2.23
C TYR A 17 1.20 -0.65 1.88
N TYR A 18 1.29 0.29 0.96
CA TYR A 18 0.12 1.01 0.49
C TYR A 18 -0.17 0.63 -0.97
N VAL A 19 -1.43 0.38 -1.28
CA VAL A 19 -1.81 -0.15 -2.59
C VAL A 19 -2.54 0.87 -3.42
N ASN A 20 -1.98 1.28 -4.54
CA ASN A 20 -2.61 2.31 -5.32
C ASN A 20 -3.46 1.73 -6.46
N HIS A 21 -4.75 2.05 -6.50
CA HIS A 21 -5.65 1.50 -7.53
C HIS A 21 -5.57 2.33 -8.79
N ASN A 22 -4.98 3.48 -8.59
CA ASN A 22 -4.95 4.52 -9.58
C ASN A 22 -3.79 4.33 -10.54
N ASN A 23 -2.75 3.65 -10.08
CA ASN A 23 -1.61 3.30 -10.91
C ASN A 23 -1.43 1.77 -10.98
N ARG A 24 -2.10 1.07 -10.06
CA ARG A 24 -1.99 -0.39 -9.93
C ARG A 24 -0.64 -0.76 -9.31
N THR A 25 -0.48 -0.45 -8.02
CA THR A 25 0.81 -0.58 -7.39
C THR A 25 0.71 -1.10 -5.94
N THR A 26 1.75 -1.83 -5.49
CA THR A 26 1.86 -2.31 -4.13
C THR A 26 3.30 -2.05 -3.63
N THR A 27 3.48 -1.17 -2.65
CA THR A 27 4.81 -0.69 -2.34
C THR A 27 5.01 -0.30 -0.86
N TRP A 28 6.26 -0.45 -0.37
CA TRP A 28 6.62 -0.03 0.99
C TRP A 28 6.73 1.49 1.09
N THR A 29 6.99 2.14 -0.05
CA THR A 29 7.27 3.57 -0.06
C THR A 29 5.99 4.38 0.19
N ARG A 30 6.18 5.56 0.78
CA ARG A 30 5.06 6.43 1.07
C ARG A 30 4.49 6.98 -0.24
N PRO A 31 3.17 7.14 -0.31
CA PRO A 31 2.48 7.50 -1.54
C PRO A 31 2.76 8.92 -1.99
N ILE A 32 3.26 9.05 -3.21
CA ILE A 32 3.55 10.33 -3.83
C ILE A 32 2.27 11.06 -4.20
N MET A 33 1.13 10.35 -4.12
CA MET A 33 -0.18 10.90 -4.49
C MET A 33 -0.73 11.80 -3.46
N GLN A 34 0.02 11.71 -2.52
CA GLN A 34 -0.22 12.22 -1.18
C GLN A 34 0.74 13.36 -0.87
N LEU A 35 1.82 13.44 -1.65
CA LEU A 35 2.84 14.46 -1.43
C LEU A 35 3.01 15.30 -2.70
N GLU B 1 14.21 -8.50 3.16
CA GLU B 1 12.74 -8.30 3.33
C GLU B 1 12.00 -8.98 2.19
N PRO B 3 9.15 -8.82 -0.20
CA PRO B 3 8.24 -7.83 -0.75
C PRO B 3 6.76 -7.88 -0.54
N PRO B 4 6.21 -6.74 -1.00
CA PRO B 4 4.80 -6.38 -0.92
C PRO B 4 3.85 -7.48 -1.40
N PRO B 5 2.76 -7.68 -0.65
CA PRO B 5 1.64 -8.52 -1.07
C PRO B 5 0.88 -7.85 -2.22
N GLY B 6 0.28 -8.66 -3.10
CA GLY B 6 -0.30 -8.16 -4.33
C GLY B 6 -1.23 -6.94 -4.19
N TYR B 7 -1.52 -6.34 -5.34
CA TYR B 7 -2.28 -5.10 -5.41
C TYR B 7 -3.81 -5.33 -5.52
N LEU B 8 -4.59 -4.57 -4.73
CA LEU B 8 -6.05 -4.67 -4.67
C LEU B 8 -6.52 -6.03 -4.25
N SER B 9 -5.82 -6.53 -3.28
CA SER B 9 -6.28 -7.64 -2.51
C SER B 9 -5.76 -7.41 -1.11
N GLU B 10 -6.63 -6.90 -0.27
CA GLU B 10 -6.22 -6.34 1.01
C GLU B 10 -7.03 -6.92 2.14
N ASP B 11 -6.38 -7.77 2.93
CA ASP B 11 -7.01 -8.35 4.11
C ASP B 11 -7.18 -7.27 5.18
N GLY B 12 -8.43 -6.87 5.37
CA GLY B 12 -8.73 -5.83 6.32
C GLY B 12 -9.76 -6.28 7.31
N GLY A 1 0.50 10.41 6.85
CA GLY A 1 -0.72 10.65 6.12
C GLY A 1 -1.00 9.58 5.09
N LEU A 2 -2.23 9.08 5.09
CA LEU A 2 -2.65 8.10 4.10
C LEU A 2 -3.31 8.83 2.94
N PRO A 3 -2.96 8.49 1.69
CA PRO A 3 -3.50 9.16 0.52
C PRO A 3 -4.78 8.50 0.04
N SER A 4 -5.65 9.32 -0.47
CA SER A 4 -6.94 8.88 -0.94
C SER A 4 -6.80 8.11 -2.26
N GLY A 5 -7.11 6.82 -2.26
CA GLY A 5 -7.06 6.05 -3.48
C GLY A 5 -6.26 4.79 -3.33
N TRP A 6 -5.62 4.61 -2.18
CA TRP A 6 -4.97 3.38 -1.84
C TRP A 6 -5.61 2.75 -0.61
N GLU A 7 -5.54 1.43 -0.52
CA GLU A 7 -5.88 0.77 0.74
C GLU A 7 -4.58 0.48 1.47
N GLU A 8 -4.60 0.46 2.79
CA GLU A 8 -3.38 0.24 3.54
C GLU A 8 -3.44 -1.06 4.32
N ARG A 9 -2.27 -1.64 4.51
CA ARG A 9 -2.15 -2.88 5.27
C ARG A 9 -0.79 -2.95 5.96
N LYS A 10 -0.84 -2.97 7.29
CA LYS A 10 0.36 -3.19 8.07
C LYS A 10 0.47 -4.69 8.37
N ASP A 11 1.53 -5.32 7.89
CA ASP A 11 1.70 -6.75 8.12
C ASP A 11 2.66 -6.97 9.30
N ALA A 12 2.34 -7.97 10.14
CA ALA A 12 3.08 -8.23 11.36
C ALA A 12 4.50 -8.70 11.09
N LYS A 13 4.79 -9.00 9.83
CA LYS A 13 6.13 -9.38 9.43
C LYS A 13 7.07 -8.17 9.41
N GLY A 14 6.51 -7.01 9.74
CA GLY A 14 7.32 -5.81 9.84
C GLY A 14 7.50 -5.13 8.50
N ARG A 15 6.46 -5.16 7.69
CA ARG A 15 6.51 -4.54 6.36
C ARG A 15 5.18 -3.86 6.04
N THR A 16 5.20 -2.54 5.97
CA THR A 16 4.00 -1.75 5.69
C THR A 16 3.95 -1.34 4.23
N TYR A 17 2.86 -1.70 3.54
CA TYR A 17 2.75 -1.41 2.11
C TYR A 17 1.40 -0.80 1.79
N TYR A 18 1.38 0.03 0.75
CA TYR A 18 0.17 0.69 0.32
C TYR A 18 -0.14 0.33 -1.13
N VAL A 19 -1.42 0.10 -1.43
CA VAL A 19 -1.84 -0.34 -2.77
C VAL A 19 -2.62 0.74 -3.51
N ASN A 20 -2.08 1.25 -4.61
CA ASN A 20 -2.73 2.33 -5.36
C ASN A 20 -3.63 1.75 -6.45
N HIS A 21 -4.92 2.12 -6.48
CA HIS A 21 -5.85 1.59 -7.50
C HIS A 21 -5.76 2.43 -8.74
N ASN A 22 -5.15 3.58 -8.56
CA ASN A 22 -5.11 4.61 -9.55
C ASN A 22 -3.96 4.39 -10.53
N ASN A 23 -2.94 3.72 -10.05
CA ASN A 23 -1.79 3.34 -10.87
C ASN A 23 -1.62 1.82 -10.90
N ARG A 24 -2.31 1.14 -9.97
CA ARG A 24 -2.22 -0.32 -9.84
C ARG A 24 -0.85 -0.75 -9.34
N THR A 25 -0.59 -0.45 -8.07
CA THR A 25 0.74 -0.67 -7.52
C THR A 25 0.71 -1.21 -6.08
N THR A 26 1.73 -2.00 -5.71
CA THR A 26 1.92 -2.50 -4.37
C THR A 26 3.38 -2.22 -3.94
N THR A 27 3.59 -1.35 -2.98
CA THR A 27 4.94 -0.87 -2.72
C THR A 27 5.19 -0.50 -1.26
N TRP A 28 6.44 -0.64 -0.80
CA TRP A 28 6.82 -0.13 0.51
C TRP A 28 6.99 1.39 0.43
N THR A 29 7.08 1.88 -0.80
CA THR A 29 7.38 3.28 -1.03
C THR A 29 6.20 4.14 -0.61
N ARG A 30 6.49 5.26 0.05
CA ARG A 30 5.46 6.15 0.53
C ARG A 30 4.83 6.88 -0.64
N PRO A 31 3.50 7.03 -0.59
CA PRO A 31 2.70 7.55 -1.71
C PRO A 31 2.92 9.03 -1.99
N ILE A 32 3.16 9.33 -3.25
CA ILE A 32 3.38 10.70 -3.71
C ILE A 32 2.04 11.43 -3.87
N MET A 33 0.95 10.67 -3.78
CA MET A 33 -0.40 11.20 -4.03
C MET A 33 -0.93 12.01 -2.91
N GLN A 34 -0.13 11.88 -2.02
CA GLN A 34 -0.30 12.32 -0.65
C GLN A 34 0.40 13.67 -0.47
N LEU A 35 1.49 13.86 -1.21
CA LEU A 35 2.33 15.05 -1.10
C LEU A 35 2.84 15.22 0.33
N GLU B 1 14.28 -7.95 3.89
CA GLU B 1 12.83 -7.75 3.71
C GLU B 1 12.32 -8.61 2.56
N PRO B 3 9.48 -8.80 -0.05
CA PRO B 3 8.50 -7.90 -0.64
C PRO B 3 7.01 -8.07 -0.52
N PRO B 4 6.39 -6.96 -0.98
CA PRO B 4 4.97 -6.66 -0.92
C PRO B 4 4.03 -7.75 -1.41
N PRO B 5 2.88 -7.86 -0.74
CA PRO B 5 1.74 -8.67 -1.19
C PRO B 5 1.09 -8.03 -2.41
N GLY B 6 0.50 -8.86 -3.29
CA GLY B 6 -0.09 -8.37 -4.53
C GLY B 6 -1.00 -7.14 -4.38
N TYR B 7 -1.38 -6.56 -5.50
CA TYR B 7 -2.09 -5.29 -5.50
C TYR B 7 -3.63 -5.47 -5.45
N LEU B 8 -4.27 -4.65 -4.58
CA LEU B 8 -5.70 -4.73 -4.29
C LEU B 8 -6.14 -6.09 -3.83
N SER B 9 -5.44 -6.54 -2.81
CA SER B 9 -5.88 -7.60 -1.98
C SER B 9 -5.70 -7.13 -0.55
N GLU B 10 -6.79 -6.68 0.05
CA GLU B 10 -6.71 -6.01 1.34
C GLU B 10 -7.72 -6.62 2.30
N ASP B 11 -7.22 -7.37 3.26
CA ASP B 11 -8.08 -8.12 4.18
C ASP B 11 -8.53 -7.25 5.34
N GLY B 12 -9.82 -7.34 5.64
CA GLY B 12 -10.40 -6.59 6.72
C GLY B 12 -11.88 -6.88 6.82
N GLY A 1 -0.02 11.14 7.34
CA GLY A 1 -1.08 11.28 6.36
C GLY A 1 -1.13 10.13 5.38
N LEU A 2 -2.34 9.68 5.10
CA LEU A 2 -2.57 8.63 4.12
C LEU A 2 -3.16 9.25 2.86
N PRO A 3 -2.71 8.86 1.67
CA PRO A 3 -3.27 9.36 0.44
C PRO A 3 -4.44 8.50 -0.02
N SER A 4 -5.60 9.12 -0.10
CA SER A 4 -6.83 8.40 -0.38
C SER A 4 -6.83 7.90 -1.82
N GLY A 5 -7.00 6.59 -2.01
CA GLY A 5 -6.93 6.03 -3.33
C GLY A 5 -6.14 4.74 -3.29
N TRP A 6 -5.39 4.57 -2.21
CA TRP A 6 -4.77 3.32 -1.88
C TRP A 6 -5.42 2.73 -0.62
N GLU A 7 -5.35 1.40 -0.47
CA GLU A 7 -5.71 0.81 0.81
C GLU A 7 -4.41 0.56 1.56
N GLU A 8 -4.38 0.83 2.86
CA GLU A 8 -3.16 0.63 3.61
C GLU A 8 -3.20 -0.67 4.37
N ARG A 9 -2.03 -1.24 4.55
CA ARG A 9 -1.89 -2.50 5.29
C ARG A 9 -0.54 -2.59 5.97
N LYS A 10 -0.57 -2.51 7.29
CA LYS A 10 0.62 -2.76 8.08
C LYS A 10 0.60 -4.20 8.55
N ASP A 11 1.42 -5.04 7.93
CA ASP A 11 1.42 -6.45 8.28
C ASP A 11 2.42 -6.69 9.41
N ALA A 12 2.02 -7.51 10.40
CA ALA A 12 2.84 -7.74 11.59
C ALA A 12 4.14 -8.46 11.26
N LYS A 13 4.28 -8.88 10.01
CA LYS A 13 5.53 -9.47 9.54
C LYS A 13 6.63 -8.42 9.45
N GLY A 14 6.26 -7.17 9.76
CA GLY A 14 7.23 -6.10 9.81
C GLY A 14 7.38 -5.40 8.48
N ARG A 15 6.38 -5.54 7.63
CA ARG A 15 6.43 -4.94 6.30
C ARG A 15 5.11 -4.23 5.98
N THR A 16 5.14 -2.90 5.98
CA THR A 16 3.97 -2.07 5.70
C THR A 16 3.99 -1.61 4.25
N TYR A 17 2.88 -1.76 3.54
CA TYR A 17 2.84 -1.40 2.13
C TYR A 17 1.52 -0.72 1.79
N TYR A 18 1.58 0.16 0.79
CA TYR A 18 0.39 0.86 0.33
C TYR A 18 0.08 0.46 -1.11
N VAL A 19 -1.21 0.22 -1.40
CA VAL A 19 -1.63 -0.31 -2.70
C VAL A 19 -2.41 0.71 -3.48
N ASN A 20 -1.85 1.18 -4.57
CA ASN A 20 -2.52 2.22 -5.34
C ASN A 20 -3.45 1.63 -6.40
N HIS A 21 -4.72 2.03 -6.42
CA HIS A 21 -5.67 1.50 -7.40
C HIS A 21 -5.61 2.33 -8.66
N ASN A 22 -5.00 3.49 -8.50
CA ASN A 22 -5.02 4.53 -9.49
C ASN A 22 -3.94 4.28 -10.55
N ASN A 23 -2.91 3.54 -10.15
CA ASN A 23 -1.86 3.11 -11.08
C ASN A 23 -1.79 1.58 -11.12
N ARG A 24 -2.41 0.95 -10.12
CA ARG A 24 -2.35 -0.50 -9.93
C ARG A 24 -0.96 -0.91 -9.45
N THR A 25 -0.64 -0.56 -8.21
CA THR A 25 0.71 -0.72 -7.70
C THR A 25 0.74 -1.18 -6.23
N THR A 26 1.79 -1.93 -5.85
CA THR A 26 2.01 -2.37 -4.48
C THR A 26 3.45 -2.07 -4.07
N THR A 27 3.67 -1.21 -3.06
CA THR A 27 5.03 -0.75 -2.79
C THR A 27 5.28 -0.43 -1.31
N TRP A 28 6.53 -0.60 -0.87
CA TRP A 28 6.94 -0.16 0.47
C TRP A 28 7.09 1.36 0.49
N THR A 29 7.33 1.95 -0.67
CA THR A 29 7.72 3.35 -0.75
C THR A 29 6.54 4.27 -0.43
N ARG A 30 6.85 5.44 0.12
CA ARG A 30 5.83 6.40 0.50
C ARG A 30 5.18 7.01 -0.73
N PRO A 31 3.84 7.02 -0.75
CA PRO A 31 3.07 7.49 -1.89
C PRO A 31 3.18 9.00 -2.10
N ILE A 32 3.47 9.38 -3.34
CA ILE A 32 3.58 10.79 -3.72
C ILE A 32 2.19 11.42 -3.83
N MET A 33 1.16 10.57 -3.78
CA MET A 33 -0.25 11.00 -3.94
C MET A 33 -0.75 11.83 -2.84
N GLN A 34 0.10 11.80 -2.00
CA GLN A 34 0.00 12.31 -0.64
C GLN A 34 0.09 13.83 -0.64
N LEU A 35 0.59 14.37 -1.75
CA LEU A 35 0.76 15.81 -1.95
C LEU A 35 1.77 16.37 -0.94
N GLU B 1 13.86 -8.89 3.93
CA GLU B 1 12.45 -8.51 3.71
C GLU B 1 11.82 -9.40 2.64
N PRO B 3 9.00 -9.31 0.04
CA PRO B 3 8.18 -8.31 -0.62
C PRO B 3 6.68 -8.25 -0.50
N PRO B 4 6.24 -7.11 -1.05
CA PRO B 4 4.86 -6.64 -1.08
C PRO B 4 3.85 -7.67 -1.57
N PRO B 5 2.70 -7.72 -0.89
CA PRO B 5 1.52 -8.46 -1.34
C PRO B 5 0.91 -7.76 -2.56
N GLY B 6 0.28 -8.54 -3.44
CA GLY B 6 -0.22 -8.00 -4.72
C GLY B 6 -1.14 -6.79 -4.59
N TYR B 7 -1.57 -6.28 -5.74
CA TYR B 7 -2.35 -5.04 -5.79
C TYR B 7 -3.87 -5.29 -5.68
N LEU B 8 -4.53 -4.47 -4.81
CA LEU B 8 -5.95 -4.57 -4.54
C LEU B 8 -6.42 -5.95 -4.18
N SER B 9 -5.88 -6.40 -3.09
CA SER B 9 -6.44 -7.47 -2.32
C SER B 9 -6.04 -7.21 -0.89
N GLU B 10 -6.95 -6.64 -0.13
CA GLU B 10 -6.60 -6.11 1.16
C GLU B 10 -7.50 -6.76 2.22
N ASP B 11 -6.94 -7.75 2.89
CA ASP B 11 -7.71 -8.60 3.79
C ASP B 11 -7.52 -8.20 5.23
N GLY B 12 -8.37 -8.77 6.08
CA GLY B 12 -8.34 -8.47 7.50
C GLY B 12 -9.69 -8.74 8.13
N GLY A 1 0.90 9.64 7.39
CA GLY A 1 0.35 10.21 6.18
C GLY A 1 -0.10 9.16 5.20
N LEU A 2 -1.40 8.91 5.19
CA LEU A 2 -1.98 7.95 4.26
C LEU A 2 -2.85 8.71 3.26
N PRO A 3 -2.68 8.45 1.96
CA PRO A 3 -3.40 9.15 0.92
C PRO A 3 -4.72 8.47 0.58
N SER A 4 -5.71 9.29 0.36
CA SER A 4 -7.03 8.82 -0.02
C SER A 4 -7.00 8.26 -1.44
N GLY A 5 -7.13 6.94 -1.58
CA GLY A 5 -7.16 6.36 -2.90
C GLY A 5 -6.40 5.06 -2.96
N TRP A 6 -5.55 4.83 -1.97
CA TRP A 6 -4.92 3.55 -1.80
C TRP A 6 -5.45 2.85 -0.56
N GLU A 7 -5.31 1.54 -0.51
CA GLU A 7 -5.57 0.79 0.72
C GLU A 7 -4.24 0.47 1.38
N GLU A 8 -4.21 0.44 2.71
CA GLU A 8 -2.97 0.07 3.39
C GLU A 8 -3.17 -1.13 4.28
N ARG A 9 -2.09 -1.86 4.43
CA ARG A 9 -2.07 -3.03 5.30
C ARG A 9 -0.79 -3.07 6.11
N LYS A 10 -0.93 -2.87 7.40
CA LYS A 10 0.18 -2.94 8.33
C LYS A 10 0.31 -4.37 8.84
N ASP A 11 1.19 -5.15 8.23
CA ASP A 11 1.24 -6.58 8.52
C ASP A 11 2.38 -6.90 9.48
N ALA A 12 2.14 -7.85 10.38
CA ALA A 12 3.09 -8.20 11.44
C ALA A 12 4.29 -8.97 10.88
N LYS A 13 4.31 -9.17 9.57
CA LYS A 13 5.47 -9.74 8.89
C LYS A 13 6.65 -8.76 8.95
N GLY A 14 6.39 -7.57 9.48
CA GLY A 14 7.42 -6.57 9.63
C GLY A 14 7.53 -5.68 8.42
N ARG A 15 6.42 -5.53 7.71
CA ARG A 15 6.39 -4.75 6.48
C ARG A 15 5.00 -4.18 6.22
N THR A 16 4.95 -2.88 5.93
CA THR A 16 3.70 -2.20 5.64
C THR A 16 3.73 -1.65 4.22
N TYR A 17 2.66 -1.83 3.47
CA TYR A 17 2.65 -1.48 2.06
C TYR A 17 1.32 -0.88 1.64
N TYR A 18 1.36 0.01 0.65
CA TYR A 18 0.17 0.69 0.17
C TYR A 18 -0.12 0.31 -1.28
N VAL A 19 -1.37 -0.03 -1.59
CA VAL A 19 -1.75 -0.39 -2.97
C VAL A 19 -2.53 0.74 -3.65
N ASN A 20 -2.03 1.24 -4.77
CA ASN A 20 -2.68 2.33 -5.46
C ASN A 20 -3.62 1.82 -6.57
N HIS A 21 -4.91 2.13 -6.50
CA HIS A 21 -5.89 1.60 -7.46
C HIS A 21 -5.79 2.39 -8.75
N ASN A 22 -5.12 3.50 -8.61
CA ASN A 22 -5.03 4.50 -9.64
C ASN A 22 -3.84 4.21 -10.57
N ASN A 23 -2.84 3.51 -10.05
CA ASN A 23 -1.65 3.20 -10.84
C ASN A 23 -1.44 1.69 -10.98
N ARG A 24 -2.15 0.91 -10.14
CA ARG A 24 -1.98 -0.55 -10.10
C ARG A 24 -0.63 -0.92 -9.52
N THR A 25 -0.46 -0.69 -8.22
CA THR A 25 0.84 -0.82 -7.61
C THR A 25 0.80 -1.37 -6.17
N THR A 26 1.85 -2.13 -5.78
CA THR A 26 2.03 -2.64 -4.43
C THR A 26 3.46 -2.31 -3.97
N THR A 27 3.61 -1.39 -3.01
CA THR A 27 4.94 -0.86 -2.73
C THR A 27 5.15 -0.43 -1.28
N TRP A 28 6.40 -0.53 -0.81
CA TRP A 28 6.80 0.01 0.49
C TRP A 28 6.88 1.54 0.42
N THR A 29 6.93 2.06 -0.79
CA THR A 29 7.23 3.46 -1.01
C THR A 29 6.08 4.37 -0.56
N ARG A 30 6.45 5.54 -0.03
CA ARG A 30 5.47 6.52 0.40
C ARG A 30 4.77 7.14 -0.80
N PRO A 31 3.44 7.20 -0.75
CA PRO A 31 2.61 7.66 -1.86
C PRO A 31 2.76 9.17 -2.13
N ILE A 32 3.24 9.49 -3.32
CA ILE A 32 3.40 10.89 -3.75
C ILE A 32 2.06 11.53 -4.06
N MET A 33 1.00 10.72 -4.08
CA MET A 33 -0.34 11.17 -4.50
C MET A 33 -0.99 12.07 -3.53
N GLN A 34 -0.28 12.07 -2.56
CA GLN A 34 -0.60 12.64 -1.25
C GLN A 34 -0.33 14.15 -1.24
N LEU A 35 0.32 14.63 -2.29
CA LEU A 35 0.65 16.04 -2.41
C LEU A 35 -0.54 16.80 -3.00
N GLU B 1 14.43 -8.12 3.81
CA GLU B 1 13.00 -7.77 3.62
C GLU B 1 12.38 -8.69 2.58
N PRO B 3 9.47 -8.95 0.15
CA PRO B 3 8.50 -8.05 -0.49
C PRO B 3 7.02 -8.16 -0.32
N PRO B 4 6.43 -7.07 -0.88
CA PRO B 4 5.01 -6.74 -0.85
C PRO B 4 4.08 -7.88 -1.24
N PRO B 5 2.93 -7.94 -0.55
CA PRO B 5 1.77 -8.74 -0.94
C PRO B 5 1.12 -8.13 -2.19
N GLY B 6 0.49 -8.96 -3.01
CA GLY B 6 -0.09 -8.50 -4.27
C GLY B 6 -0.95 -7.25 -4.16
N TYR B 7 -1.27 -6.63 -5.29
CA TYR B 7 -1.90 -5.32 -5.32
C TYR B 7 -3.45 -5.40 -5.30
N LEU B 8 -4.06 -4.56 -4.44
CA LEU B 8 -5.51 -4.51 -4.21
C LEU B 8 -6.09 -5.81 -3.74
N SER B 9 -5.30 -6.55 -3.03
CA SER B 9 -5.82 -7.51 -2.13
C SER B 9 -5.61 -6.96 -0.74
N GLU B 10 -6.66 -6.36 -0.18
CA GLU B 10 -6.58 -5.73 1.12
C GLU B 10 -7.72 -6.22 2.00
N ASP B 11 -7.41 -7.17 2.86
CA ASP B 11 -8.43 -7.81 3.68
C ASP B 11 -8.30 -7.35 5.14
N GLY B 12 -9.32 -6.66 5.61
CA GLY B 12 -9.29 -6.12 6.95
C GLY B 12 -10.63 -5.50 7.33
N GLY A 1 -0.09 10.36 7.04
CA GLY A 1 -0.78 10.86 5.87
C GLY A 1 -1.11 9.76 4.89
N LEU A 2 -2.33 9.26 4.93
CA LEU A 2 -2.78 8.25 4.00
C LEU A 2 -3.51 8.91 2.83
N PRO A 3 -3.19 8.54 1.59
CA PRO A 3 -3.83 9.10 0.42
C PRO A 3 -5.06 8.30 0.03
N SER A 4 -6.14 9.00 -0.19
CA SER A 4 -7.40 8.39 -0.53
C SER A 4 -7.32 7.81 -1.94
N GLY A 5 -7.39 6.49 -2.07
CA GLY A 5 -7.30 5.87 -3.37
C GLY A 5 -6.46 4.62 -3.32
N TRP A 6 -5.69 4.48 -2.24
CA TRP A 6 -5.03 3.24 -1.95
C TRP A 6 -5.64 2.62 -0.70
N GLU A 7 -5.50 1.30 -0.55
CA GLU A 7 -5.87 0.68 0.71
C GLU A 7 -4.60 0.44 1.52
N GLU A 8 -4.67 0.56 2.84
CA GLU A 8 -3.46 0.45 3.66
C GLU A 8 -3.38 -0.88 4.40
N ARG A 9 -2.16 -1.34 4.59
CA ARG A 9 -1.90 -2.58 5.29
C ARG A 9 -0.55 -2.57 6.00
N LYS A 10 -0.59 -2.80 7.30
CA LYS A 10 0.63 -3.03 8.06
C LYS A 10 0.73 -4.51 8.43
N ASP A 11 1.63 -5.25 7.76
CA ASP A 11 1.72 -6.70 7.96
C ASP A 11 2.70 -7.00 9.09
N ALA A 12 2.36 -7.98 9.92
CA ALA A 12 3.11 -8.28 11.13
C ALA A 12 4.52 -8.79 10.84
N LYS A 13 4.80 -9.06 9.57
CA LYS A 13 6.11 -9.54 9.17
C LYS A 13 7.14 -8.40 9.16
N GLY A 14 6.70 -7.21 9.56
CA GLY A 14 7.61 -6.07 9.66
C GLY A 14 7.68 -5.27 8.38
N ARG A 15 6.64 -5.38 7.57
CA ARG A 15 6.59 -4.70 6.28
C ARG A 15 5.19 -4.16 6.01
N THR A 16 5.05 -2.83 6.03
CA THR A 16 3.76 -2.18 5.76
C THR A 16 3.78 -1.58 4.37
N TYR A 17 2.66 -1.66 3.67
CA TYR A 17 2.62 -1.27 2.26
C TYR A 17 1.29 -0.62 1.89
N TYR A 18 1.33 0.27 0.91
CA TYR A 18 0.13 0.94 0.43
C TYR A 18 -0.15 0.47 -1.00
N VAL A 19 -1.42 0.17 -1.30
CA VAL A 19 -1.81 -0.39 -2.60
C VAL A 19 -2.55 0.62 -3.45
N ASN A 20 -1.97 1.05 -4.55
CA ASN A 20 -2.63 2.05 -5.38
C ASN A 20 -3.50 1.40 -6.45
N HIS A 21 -4.78 1.78 -6.54
CA HIS A 21 -5.69 1.20 -7.54
C HIS A 21 -5.58 1.94 -8.83
N ASN A 22 -4.98 3.10 -8.72
CA ASN A 22 -4.97 4.09 -9.76
C ASN A 22 -3.93 3.76 -10.82
N ASN A 23 -2.85 3.12 -10.40
CA ASN A 23 -1.80 2.69 -11.32
C ASN A 23 -1.64 1.17 -11.27
N ARG A 24 -2.21 0.55 -10.22
CA ARG A 24 -2.11 -0.90 -9.98
C ARG A 24 -0.76 -1.25 -9.37
N THR A 25 -0.56 -0.86 -8.12
CA THR A 25 0.74 -1.02 -7.51
C THR A 25 0.66 -1.45 -6.03
N THR A 26 1.68 -2.18 -5.58
CA THR A 26 1.84 -2.53 -4.18
C THR A 26 3.28 -2.17 -3.77
N THR A 27 3.45 -1.27 -2.81
CA THR A 27 4.76 -0.72 -2.56
C THR A 27 5.00 -0.31 -1.10
N TRP A 28 6.26 -0.39 -0.67
CA TRP A 28 6.66 0.08 0.65
C TRP A 28 6.75 1.60 0.68
N THR A 29 6.81 2.21 -0.50
CA THR A 29 7.15 3.63 -0.61
C THR A 29 5.98 4.53 -0.24
N ARG A 30 6.31 5.71 0.27
CA ARG A 30 5.32 6.71 0.64
C ARG A 30 4.68 7.28 -0.63
N PRO A 31 3.34 7.36 -0.65
CA PRO A 31 2.61 7.83 -1.82
C PRO A 31 2.79 9.32 -2.07
N ILE A 32 3.28 9.65 -3.25
CA ILE A 32 3.53 11.02 -3.66
C ILE A 32 2.22 11.78 -3.85
N MET A 33 1.10 11.04 -3.82
CA MET A 33 -0.22 11.62 -4.09
C MET A 33 -0.75 12.44 -2.98
N GLN A 34 0.02 12.28 -2.08
CA GLN A 34 -0.17 12.74 -0.71
C GLN A 34 0.96 13.69 -0.32
N LEU A 35 2.20 13.19 -0.40
CA LEU A 35 3.41 13.96 -0.08
C LEU A 35 3.56 14.07 1.45
N GLU B 1 14.36 -8.40 3.14
CA GLU B 1 12.90 -8.12 3.08
C GLU B 1 12.24 -9.00 2.02
N PRO B 3 9.19 -8.99 -0.24
CA PRO B 3 8.24 -8.00 -0.73
C PRO B 3 6.77 -8.04 -0.45
N PRO B 4 6.19 -6.92 -0.93
CA PRO B 4 4.79 -6.55 -0.80
C PRO B 4 3.82 -7.61 -1.29
N PRO B 5 2.70 -7.75 -0.57
CA PRO B 5 1.55 -8.55 -0.99
C PRO B 5 0.85 -7.88 -2.17
N GLY B 6 0.22 -8.68 -3.03
CA GLY B 6 -0.32 -8.19 -4.30
C GLY B 6 -1.24 -6.98 -4.20
N TYR B 7 -1.68 -6.50 -5.36
CA TYR B 7 -2.43 -5.25 -5.46
C TYR B 7 -3.96 -5.44 -5.33
N LEU B 8 -4.58 -4.60 -4.45
CA LEU B 8 -6.01 -4.66 -4.12
C LEU B 8 -6.40 -5.96 -3.46
N SER B 9 -5.40 -6.71 -3.08
CA SER B 9 -5.60 -7.77 -2.15
C SER B 9 -5.37 -7.18 -0.77
N GLU B 10 -6.46 -6.87 -0.07
CA GLU B 10 -6.36 -6.13 1.17
C GLU B 10 -7.15 -6.81 2.28
N ASP B 11 -6.48 -6.99 3.41
CA ASP B 11 -7.03 -7.74 4.54
C ASP B 11 -7.95 -6.87 5.39
N GLY B 12 -8.23 -5.67 4.90
CA GLY B 12 -9.07 -4.73 5.62
C GLY B 12 -10.47 -5.27 5.86
N GLY A 1 1.01 9.75 7.23
CA GLY A 1 0.73 10.38 5.96
C GLY A 1 0.20 9.39 4.94
N LEU A 2 -1.12 9.27 4.89
CA LEU A 2 -1.77 8.36 3.96
C LEU A 2 -2.63 9.13 2.98
N PRO A 3 -2.58 8.79 1.68
CA PRO A 3 -3.43 9.41 0.68
C PRO A 3 -4.75 8.67 0.53
N SER A 4 -5.80 9.42 0.49
CA SER A 4 -7.14 8.88 0.39
C SER A 4 -7.38 8.26 -0.98
N GLY A 5 -7.40 6.93 -1.03
CA GLY A 5 -7.69 6.27 -2.29
C GLY A 5 -7.08 4.89 -2.35
N TRP A 6 -5.92 4.74 -1.75
CA TRP A 6 -5.25 3.45 -1.68
C TRP A 6 -5.73 2.69 -0.46
N GLU A 7 -5.49 1.39 -0.43
CA GLU A 7 -5.70 0.65 0.79
C GLU A 7 -4.34 0.46 1.45
N GLU A 8 -4.24 0.69 2.74
CA GLU A 8 -2.97 0.47 3.42
C GLU A 8 -3.02 -0.74 4.31
N ARG A 9 -1.87 -1.36 4.46
CA ARG A 9 -1.74 -2.55 5.29
C ARG A 9 -0.36 -2.65 5.89
N LYS A 10 -0.29 -2.54 7.21
CA LYS A 10 0.92 -2.85 7.94
C LYS A 10 0.90 -4.33 8.30
N ASP A 11 1.80 -5.10 7.73
CA ASP A 11 1.80 -6.54 7.97
C ASP A 11 2.70 -6.83 9.18
N ALA A 12 2.25 -7.75 10.03
CA ALA A 12 2.93 -8.04 11.29
C ALA A 12 4.34 -8.59 11.06
N LYS A 13 4.64 -8.98 9.83
CA LYS A 13 5.96 -9.48 9.49
C LYS A 13 7.00 -8.35 9.46
N GLY A 14 6.53 -7.12 9.70
CA GLY A 14 7.43 -5.98 9.79
C GLY A 14 7.66 -5.30 8.46
N ARG A 15 6.62 -5.24 7.63
CA ARG A 15 6.67 -4.54 6.37
C ARG A 15 5.32 -3.90 6.04
N THR A 16 5.29 -2.56 6.01
CA THR A 16 4.08 -1.81 5.71
C THR A 16 4.06 -1.44 4.23
N TYR A 17 2.93 -1.67 3.56
CA TYR A 17 2.85 -1.39 2.14
C TYR A 17 1.53 -0.72 1.78
N TYR A 18 1.56 0.12 0.76
CA TYR A 18 0.37 0.83 0.31
C TYR A 18 0.01 0.39 -1.11
N VAL A 19 -1.27 0.11 -1.36
CA VAL A 19 -1.72 -0.38 -2.66
C VAL A 19 -2.49 0.68 -3.42
N ASN A 20 -1.95 1.16 -4.52
CA ASN A 20 -2.60 2.21 -5.26
C ASN A 20 -3.46 1.65 -6.40
N HIS A 21 -4.74 2.04 -6.47
CA HIS A 21 -5.63 1.52 -7.51
C HIS A 21 -5.52 2.37 -8.74
N ASN A 22 -4.92 3.51 -8.54
CA ASN A 22 -4.86 4.55 -9.52
C ASN A 22 -3.72 4.29 -10.50
N ASN A 23 -2.71 3.56 -10.04
CA ASN A 23 -1.60 3.15 -10.88
C ASN A 23 -1.51 1.61 -10.94
N ARG A 24 -2.20 0.94 -10.02
CA ARG A 24 -2.11 -0.50 -9.85
C ARG A 24 -0.75 -0.88 -9.30
N THR A 25 -0.52 -0.55 -8.02
CA THR A 25 0.81 -0.70 -7.46
C THR A 25 0.78 -1.22 -6.00
N THR A 26 1.82 -1.97 -5.63
CA THR A 26 2.01 -2.44 -4.26
C THR A 26 3.46 -2.12 -3.83
N THR A 27 3.64 -1.27 -2.83
CA THR A 27 4.98 -0.73 -2.57
C THR A 27 5.22 -0.41 -1.09
N TRP A 28 6.49 -0.52 -0.67
CA TRP A 28 6.88 -0.13 0.69
C TRP A 28 6.94 1.39 0.82
N THR A 29 7.03 2.09 -0.30
CA THR A 29 7.31 3.51 -0.29
C THR A 29 6.03 4.33 -0.13
N ARG A 30 6.17 5.49 0.49
CA ARG A 30 5.04 6.38 0.71
C ARG A 30 4.55 6.99 -0.60
N PRO A 31 3.23 7.15 -0.71
CA PRO A 31 2.59 7.66 -1.92
C PRO A 31 2.87 9.14 -2.18
N ILE A 32 3.41 9.42 -3.35
CA ILE A 32 3.68 10.80 -3.76
C ILE A 32 2.38 11.51 -4.16
N MET A 33 1.31 10.74 -4.25
CA MET A 33 0.02 11.23 -4.75
C MET A 33 -0.69 12.11 -3.81
N GLN A 34 -0.06 12.05 -2.79
CA GLN A 34 -0.47 12.56 -1.48
C GLN A 34 -0.22 14.07 -1.41
N LEU A 35 0.54 14.59 -2.36
CA LEU A 35 0.84 16.01 -2.41
C LEU A 35 -0.09 16.70 -3.40
N GLU B 1 13.97 -8.83 4.00
CA GLU B 1 12.59 -8.40 3.69
C GLU B 1 11.99 -9.28 2.59
N PRO B 3 9.23 -9.14 0.04
CA PRO B 3 8.39 -8.16 -0.60
C PRO B 3 6.89 -8.15 -0.48
N PRO B 4 6.41 -7.02 -1.03
CA PRO B 4 5.01 -6.62 -1.05
C PRO B 4 4.05 -7.70 -1.54
N PRO B 5 2.91 -7.83 -0.86
CA PRO B 5 1.78 -8.65 -1.30
C PRO B 5 1.11 -8.01 -2.52
N GLY B 6 0.54 -8.85 -3.39
CA GLY B 6 -0.07 -8.38 -4.64
C GLY B 6 -1.00 -7.18 -4.46
N TYR B 7 -1.37 -6.57 -5.58
CA TYR B 7 -2.12 -5.32 -5.55
C TYR B 7 -3.64 -5.54 -5.54
N LEU B 8 -4.34 -4.74 -4.71
CA LEU B 8 -5.76 -4.85 -4.43
C LEU B 8 -6.22 -6.25 -4.09
N SER B 9 -5.73 -6.66 -2.94
CA SER B 9 -6.35 -7.69 -2.18
C SER B 9 -6.02 -7.39 -0.73
N GLU B 10 -6.96 -6.76 -0.04
CA GLU B 10 -6.67 -6.18 1.26
C GLU B 10 -7.66 -6.70 2.27
N ASP B 11 -7.20 -7.59 3.12
CA ASP B 11 -8.08 -8.37 3.98
C ASP B 11 -8.70 -7.52 5.08
N GLY B 12 -10.02 -7.58 5.16
CA GLY B 12 -10.77 -6.90 6.19
C GLY B 12 -12.22 -7.25 6.11
N GLY A 1 2.04 10.30 6.31
CA GLY A 1 0.75 10.61 5.73
C GLY A 1 0.23 9.50 4.85
N LEU A 2 -1.05 9.17 5.02
CA LEU A 2 -1.69 8.17 4.21
C LEU A 2 -2.62 8.85 3.20
N PRO A 3 -2.44 8.57 1.90
CA PRO A 3 -3.20 9.24 0.86
C PRO A 3 -4.48 8.49 0.53
N SER A 4 -5.51 9.26 0.28
CA SER A 4 -6.81 8.72 -0.07
C SER A 4 -6.81 8.14 -1.48
N GLY A 5 -7.14 6.86 -1.61
CA GLY A 5 -7.29 6.28 -2.92
C GLY A 5 -6.66 4.91 -3.01
N TRP A 6 -5.75 4.64 -2.10
CA TRP A 6 -5.17 3.34 -1.96
C TRP A 6 -5.78 2.64 -0.77
N GLU A 7 -5.54 1.35 -0.65
CA GLU A 7 -5.88 0.64 0.56
C GLU A 7 -4.58 0.25 1.29
N GLU A 8 -4.40 0.74 2.51
CA GLU A 8 -3.19 0.47 3.26
C GLU A 8 -3.26 -0.78 4.10
N ARG A 9 -2.10 -1.39 4.28
CA ARG A 9 -1.98 -2.58 5.12
C ARG A 9 -0.64 -2.59 5.82
N LYS A 10 -0.68 -2.46 7.13
CA LYS A 10 0.51 -2.62 7.96
C LYS A 10 0.52 -4.05 8.48
N ASP A 11 1.22 -4.94 7.78
CA ASP A 11 1.12 -6.36 8.07
C ASP A 11 2.16 -6.78 9.09
N ALA A 12 1.79 -7.78 9.91
CA ALA A 12 2.61 -8.25 11.01
C ALA A 12 3.91 -8.90 10.54
N LYS A 13 4.08 -9.03 9.22
CA LYS A 13 5.33 -9.50 8.66
C LYS A 13 6.43 -8.46 8.87
N GLY A 14 6.04 -7.30 9.39
CA GLY A 14 7.00 -6.25 9.69
C GLY A 14 7.21 -5.32 8.52
N ARG A 15 6.22 -5.26 7.64
CA ARG A 15 6.29 -4.43 6.45
C ARG A 15 4.90 -3.90 6.08
N THR A 16 4.76 -2.57 6.06
CA THR A 16 3.51 -1.94 5.69
C THR A 16 3.54 -1.56 4.21
N TYR A 17 2.47 -1.84 3.49
CA TYR A 17 2.44 -1.57 2.07
C TYR A 17 1.10 -0.96 1.67
N TYR A 18 1.12 -0.14 0.63
CA TYR A 18 -0.08 0.52 0.15
C TYR A 18 -0.32 0.18 -1.31
N VAL A 19 -1.54 -0.25 -1.65
CA VAL A 19 -1.86 -0.58 -3.04
C VAL A 19 -2.59 0.57 -3.73
N ASN A 20 -2.00 1.12 -4.78
CA ASN A 20 -2.58 2.25 -5.47
C ASN A 20 -3.47 1.79 -6.62
N HIS A 21 -4.75 2.19 -6.62
CA HIS A 21 -5.67 1.75 -7.67
C HIS A 21 -5.50 2.64 -8.87
N ASN A 22 -4.82 3.73 -8.62
CA ASN A 22 -4.63 4.79 -9.57
C ASN A 22 -3.45 4.49 -10.49
N ASN A 23 -2.52 3.68 -9.99
CA ASN A 23 -1.34 3.27 -10.77
C ASN A 23 -1.28 1.76 -10.94
N ARG A 24 -2.06 1.03 -10.13
CA ARG A 24 -2.01 -0.43 -10.08
C ARG A 24 -0.66 -0.88 -9.53
N THR A 25 -0.45 -0.65 -8.25
CA THR A 25 0.85 -0.84 -7.65
C THR A 25 0.79 -1.36 -6.20
N THR A 26 1.76 -2.18 -5.81
CA THR A 26 1.91 -2.64 -4.44
C THR A 26 3.30 -2.22 -3.93
N THR A 27 3.38 -1.42 -2.87
CA THR A 27 4.65 -0.80 -2.54
C THR A 27 4.82 -0.53 -1.05
N TRP A 28 6.07 -0.56 -0.59
CA TRP A 28 6.41 -0.16 0.78
C TRP A 28 6.38 1.36 0.90
N THR A 29 6.64 2.02 -0.22
CA THR A 29 6.95 3.44 -0.21
C THR A 29 5.76 4.32 0.14
N ARG A 30 6.04 5.42 0.82
CA ARG A 30 5.02 6.41 1.14
C ARG A 30 4.59 7.15 -0.12
N PRO A 31 3.29 7.12 -0.40
CA PRO A 31 2.72 7.64 -1.64
C PRO A 31 2.79 9.16 -1.77
N ILE A 32 3.34 9.60 -2.88
CA ILE A 32 3.41 11.02 -3.22
C ILE A 32 2.05 11.56 -3.62
N MET A 33 1.09 10.65 -3.80
CA MET A 33 -0.25 10.98 -4.33
C MET A 33 -1.08 11.80 -3.42
N GLN A 34 -0.48 11.86 -2.39
CA GLN A 34 -0.98 12.40 -1.13
C GLN A 34 -1.27 13.89 -1.27
N LEU A 35 -0.22 14.69 -1.41
CA LEU A 35 -0.35 16.12 -1.57
C LEU A 35 1.03 16.72 -1.84
N GLU B 1 14.07 -8.08 4.21
CA GLU B 1 12.64 -7.80 3.91
C GLU B 1 12.11 -8.84 2.94
N PRO B 3 9.34 -9.05 0.42
CA PRO B 3 8.44 -8.14 -0.29
C PRO B 3 6.93 -8.21 -0.20
N PRO B 4 6.41 -7.11 -0.80
CA PRO B 4 5.00 -6.75 -0.86
C PRO B 4 4.06 -7.88 -1.28
N PRO B 5 2.90 -7.94 -0.62
CA PRO B 5 1.77 -8.78 -1.03
C PRO B 5 1.15 -8.20 -2.31
N GLY B 6 0.56 -9.07 -3.14
CA GLY B 6 0.00 -8.63 -4.42
C GLY B 6 -0.89 -7.39 -4.32
N TYR B 7 -1.19 -6.78 -5.46
CA TYR B 7 -1.83 -5.47 -5.46
C TYR B 7 -3.36 -5.59 -5.46
N LEU B 8 -4.01 -4.78 -4.61
CA LEU B 8 -5.46 -4.80 -4.40
C LEU B 8 -5.98 -6.15 -4.00
N SER B 9 -5.63 -6.50 -2.79
CA SER B 9 -6.26 -7.58 -2.07
C SER B 9 -6.19 -7.21 -0.61
N GLU B 10 -7.28 -6.69 -0.10
CA GLU B 10 -7.30 -6.12 1.24
C GLU B 10 -8.38 -6.77 2.09
N ASP B 11 -7.93 -7.65 2.98
CA ASP B 11 -8.83 -8.41 3.83
C ASP B 11 -8.52 -8.19 5.30
N GLY B 12 -7.35 -7.62 5.58
CA GLY B 12 -6.94 -7.41 6.96
C GLY B 12 -5.49 -7.03 7.06
N GLY A 1 1.41 8.83 6.94
CA GLY A 1 0.89 9.61 5.84
C GLY A 1 0.19 8.75 4.81
N LEU A 2 -1.13 8.80 4.80
CA LEU A 2 -1.89 8.00 3.86
C LEU A 2 -2.77 8.88 2.98
N PRO A 3 -2.71 8.66 1.65
CA PRO A 3 -3.54 9.37 0.71
C PRO A 3 -4.86 8.65 0.47
N SER A 4 -5.87 9.43 0.29
CA SER A 4 -7.20 8.91 0.07
C SER A 4 -7.30 8.25 -1.32
N GLY A 5 -7.32 6.93 -1.35
CA GLY A 5 -7.47 6.23 -2.61
C GLY A 5 -6.81 4.87 -2.61
N TRP A 6 -5.79 4.70 -1.78
CA TRP A 6 -5.12 3.43 -1.63
C TRP A 6 -5.66 2.73 -0.39
N GLU A 7 -5.52 1.41 -0.33
CA GLU A 7 -5.85 0.72 0.90
C GLU A 7 -4.54 0.43 1.63
N GLU A 8 -4.43 0.85 2.88
CA GLU A 8 -3.20 0.61 3.61
C GLU A 8 -3.26 -0.69 4.37
N ARG A 9 -2.09 -1.27 4.54
CA ARG A 9 -1.96 -2.51 5.27
C ARG A 9 -0.62 -2.60 5.97
N LYS A 10 -0.65 -2.51 7.29
CA LYS A 10 0.52 -2.72 8.10
C LYS A 10 0.55 -4.19 8.54
N ASP A 11 1.41 -4.98 7.91
CA ASP A 11 1.42 -6.41 8.18
C ASP A 11 2.37 -6.72 9.33
N ALA A 12 1.97 -7.65 10.19
CA ALA A 12 2.69 -7.94 11.42
C ALA A 12 4.03 -8.60 11.15
N LYS A 13 4.30 -8.94 9.88
CA LYS A 13 5.58 -9.49 9.51
C LYS A 13 6.66 -8.40 9.45
N GLY A 14 6.26 -7.17 9.78
CA GLY A 14 7.21 -6.08 9.91
C GLY A 14 7.42 -5.33 8.60
N ARG A 15 6.38 -5.26 7.78
CA ARG A 15 6.47 -4.57 6.51
C ARG A 15 5.15 -3.84 6.18
N THR A 16 5.23 -2.53 6.06
CA THR A 16 4.05 -1.70 5.76
C THR A 16 4.03 -1.34 4.28
N TYR A 17 2.92 -1.55 3.60
CA TYR A 17 2.86 -1.24 2.19
C TYR A 17 1.54 -0.56 1.82
N TYR A 18 1.59 0.27 0.79
CA TYR A 18 0.41 0.97 0.32
C TYR A 18 0.06 0.48 -1.09
N VAL A 19 -1.24 0.23 -1.33
CA VAL A 19 -1.69 -0.28 -2.62
C VAL A 19 -2.48 0.75 -3.37
N ASN A 20 -1.99 1.20 -4.50
CA ASN A 20 -2.68 2.22 -5.25
C ASN A 20 -3.57 1.62 -6.33
N HIS A 21 -4.87 1.95 -6.35
CA HIS A 21 -5.77 1.38 -7.34
C HIS A 21 -5.73 2.23 -8.59
N ASN A 22 -5.20 3.40 -8.42
CA ASN A 22 -5.26 4.44 -9.40
C ASN A 22 -4.14 4.30 -10.42
N ASN A 23 -3.06 3.64 -10.01
CA ASN A 23 -1.95 3.35 -10.92
C ASN A 23 -1.72 1.85 -11.04
N ARG A 24 -2.31 1.07 -10.11
CA ARG A 24 -2.10 -0.39 -10.05
C ARG A 24 -0.73 -0.70 -9.47
N THR A 25 -0.55 -0.45 -8.17
CA THR A 25 0.77 -0.56 -7.59
C THR A 25 0.75 -1.04 -6.12
N THR A 26 1.82 -1.76 -5.72
CA THR A 26 2.02 -2.18 -4.35
C THR A 26 3.47 -1.85 -3.93
N THR A 27 3.67 -1.02 -2.91
CA THR A 27 5.01 -0.54 -2.61
C THR A 27 5.23 -0.24 -1.13
N TRP A 28 6.49 -0.40 -0.68
CA TRP A 28 6.87 -0.01 0.69
C TRP A 28 6.90 1.52 0.81
N THR A 29 7.26 2.17 -0.29
CA THR A 29 7.49 3.60 -0.28
C THR A 29 6.19 4.39 -0.15
N ARG A 30 6.28 5.56 0.46
CA ARG A 30 5.10 6.38 0.69
C ARG A 30 4.56 6.97 -0.61
N PRO A 31 3.24 7.14 -0.65
CA PRO A 31 2.51 7.58 -1.86
C PRO A 31 2.77 9.02 -2.25
N ILE A 32 3.03 9.20 -3.54
CA ILE A 32 3.25 10.52 -4.12
C ILE A 32 1.92 11.24 -4.36
N MET A 33 0.83 10.49 -4.20
CA MET A 33 -0.51 10.96 -4.58
C MET A 33 -1.08 11.98 -3.67
N GLN A 34 -0.32 12.05 -2.74
CA GLN A 34 -0.55 12.78 -1.51
C GLN A 34 0.23 14.10 -1.51
N LEU A 35 1.11 14.25 -2.51
CA LEU A 35 1.97 15.43 -2.65
C LEU A 35 2.98 15.49 -1.51
N GLU B 1 13.82 -8.62 4.34
CA GLU B 1 12.43 -8.24 4.01
C GLU B 1 11.90 -9.11 2.89
N PRO B 3 9.25 -9.02 0.15
CA PRO B 3 8.43 -8.01 -0.50
C PRO B 3 6.93 -8.00 -0.45
N PRO B 4 6.47 -6.85 -0.98
CA PRO B 4 5.09 -6.41 -1.04
C PRO B 4 4.12 -7.48 -1.55
N PRO B 5 2.96 -7.58 -0.90
CA PRO B 5 1.84 -8.37 -1.38
C PRO B 5 1.23 -7.71 -2.61
N GLY B 6 0.66 -8.50 -3.51
CA GLY B 6 0.15 -8.00 -4.78
C GLY B 6 -0.81 -6.81 -4.65
N TYR B 7 -1.25 -6.29 -5.78
CA TYR B 7 -2.05 -5.07 -5.81
C TYR B 7 -3.57 -5.35 -5.71
N LEU B 8 -4.23 -4.64 -4.78
CA LEU B 8 -5.66 -4.77 -4.52
C LEU B 8 -6.10 -6.17 -4.16
N SER B 9 -5.62 -6.55 -3.01
CA SER B 9 -6.21 -7.61 -2.25
C SER B 9 -5.91 -7.28 -0.80
N GLU B 10 -6.89 -6.71 -0.13
CA GLU B 10 -6.63 -6.11 1.17
C GLU B 10 -7.54 -6.74 2.20
N ASP B 11 -6.98 -7.67 2.96
CA ASP B 11 -7.73 -8.51 3.88
C ASP B 11 -8.04 -7.77 5.17
N GLY B 12 -9.32 -7.84 5.57
CA GLY B 12 -9.74 -7.25 6.82
C GLY B 12 -10.63 -8.20 7.58
N GLY A 1 0.36 9.89 6.97
CA GLY A 1 -0.49 10.47 5.96
C GLY A 1 -0.88 9.46 4.92
N LEU A 2 -2.16 9.17 4.83
CA LEU A 2 -2.66 8.24 3.83
C LEU A 2 -3.42 8.98 2.76
N PRO A 3 -3.07 8.77 1.49
CA PRO A 3 -3.72 9.41 0.38
C PRO A 3 -4.91 8.61 -0.11
N SER A 4 -5.95 9.30 -0.46
CA SER A 4 -7.18 8.69 -0.91
C SER A 4 -6.99 8.03 -2.27
N GLY A 5 -7.11 6.71 -2.34
CA GLY A 5 -6.92 6.02 -3.59
C GLY A 5 -6.10 4.77 -3.42
N TRP A 6 -5.45 4.65 -2.27
CA TRP A 6 -4.82 3.43 -1.87
C TRP A 6 -5.49 2.85 -0.64
N GLU A 7 -5.43 1.52 -0.50
CA GLU A 7 -5.80 0.91 0.77
C GLU A 7 -4.51 0.67 1.55
N GLU A 8 -4.57 0.70 2.87
CA GLU A 8 -3.35 0.49 3.65
C GLU A 8 -3.41 -0.78 4.46
N ARG A 9 -2.24 -1.36 4.62
CA ARG A 9 -2.10 -2.57 5.44
C ARG A 9 -0.72 -2.63 6.07
N LYS A 10 -0.70 -2.83 7.37
CA LYS A 10 0.53 -3.02 8.09
C LYS A 10 0.66 -4.51 8.40
N ASP A 11 1.61 -5.19 7.76
CA ASP A 11 1.74 -6.62 7.94
C ASP A 11 2.72 -6.91 9.09
N ALA A 12 2.36 -7.85 9.96
CA ALA A 12 3.12 -8.10 11.18
C ALA A 12 4.42 -8.85 10.88
N LYS A 13 4.70 -9.08 9.61
CA LYS A 13 5.97 -9.68 9.21
C LYS A 13 7.07 -8.62 9.16
N GLY A 14 6.74 -7.40 9.57
CA GLY A 14 7.73 -6.34 9.66
C GLY A 14 7.88 -5.55 8.39
N ARG A 15 6.79 -5.43 7.63
CA ARG A 15 6.79 -4.70 6.38
C ARG A 15 5.43 -4.04 6.12
N THR A 16 5.40 -2.71 6.09
CA THR A 16 4.18 -1.96 5.85
C THR A 16 4.09 -1.54 4.39
N TYR A 17 2.93 -1.69 3.76
CA TYR A 17 2.84 -1.42 2.33
C TYR A 17 1.49 -0.79 1.96
N TYR A 18 1.51 0.02 0.91
CA TYR A 18 0.31 0.68 0.42
C TYR A 18 -0.01 0.21 -1.01
N VAL A 19 -1.30 0.09 -1.31
CA VAL A 19 -1.72 -0.36 -2.65
C VAL A 19 -2.47 0.72 -3.42
N ASN A 20 -1.95 1.12 -4.57
CA ASN A 20 -2.56 2.21 -5.33
C ASN A 20 -3.49 1.68 -6.42
N HIS A 21 -4.76 2.09 -6.42
CA HIS A 21 -5.73 1.59 -7.42
C HIS A 21 -5.65 2.43 -8.65
N ASN A 22 -5.00 3.56 -8.49
CA ASN A 22 -4.89 4.57 -9.50
C ASN A 22 -3.83 4.20 -10.53
N ASN A 23 -2.69 3.71 -10.05
CA ASN A 23 -1.62 3.28 -10.93
C ASN A 23 -1.54 1.75 -11.01
N ARG A 24 -2.23 1.08 -10.08
CA ARG A 24 -2.23 -0.38 -10.00
C ARG A 24 -0.89 -0.87 -9.46
N THR A 25 -0.65 -0.63 -8.16
CA THR A 25 0.66 -0.88 -7.60
C THR A 25 0.60 -1.35 -6.13
N THR A 26 1.58 -2.15 -5.72
CA THR A 26 1.77 -2.55 -4.33
C THR A 26 3.22 -2.20 -3.92
N THR A 27 3.41 -1.37 -2.90
CA THR A 27 4.73 -0.81 -2.67
C THR A 27 5.03 -0.50 -1.20
N TRP A 28 6.31 -0.59 -0.84
CA TRP A 28 6.77 -0.20 0.49
C TRP A 28 6.83 1.32 0.63
N THR A 29 7.04 2.00 -0.50
CA THR A 29 7.34 3.42 -0.47
C THR A 29 6.10 4.26 -0.19
N ARG A 30 6.32 5.41 0.44
CA ARG A 30 5.24 6.32 0.77
C ARG A 30 4.70 6.97 -0.50
N PRO A 31 3.37 7.07 -0.60
CA PRO A 31 2.71 7.60 -1.77
C PRO A 31 2.91 9.10 -1.94
N ILE A 32 3.41 9.49 -3.11
CA ILE A 32 3.67 10.89 -3.45
C ILE A 32 2.37 11.63 -3.72
N MET A 33 1.26 10.89 -3.82
CA MET A 33 -0.04 11.46 -4.22
C MET A 33 -0.67 12.32 -3.19
N GLN A 34 0.02 12.21 -2.21
CA GLN A 34 -0.28 12.73 -0.89
C GLN A 34 -0.04 14.24 -0.87
N LEU A 35 0.87 14.69 -1.75
CA LEU A 35 1.18 16.10 -1.95
C LEU A 35 1.41 16.83 -0.62
N GLU B 1 14.24 -8.48 3.56
CA GLU B 1 12.83 -8.10 3.30
C GLU B 1 12.19 -9.08 2.32
N PRO B 3 9.13 -9.22 0.03
CA PRO B 3 8.18 -8.27 -0.55
C PRO B 3 6.70 -8.28 -0.29
N PRO B 4 6.15 -7.18 -0.85
CA PRO B 4 4.75 -6.78 -0.76
C PRO B 4 3.76 -7.86 -1.17
N PRO B 5 2.61 -7.87 -0.49
CA PRO B 5 1.43 -8.63 -0.88
C PRO B 5 0.80 -8.01 -2.14
N GLY B 6 0.15 -8.84 -2.95
CA GLY B 6 -0.41 -8.38 -4.23
C GLY B 6 -1.25 -7.12 -4.13
N TYR B 7 -1.62 -6.58 -5.29
CA TYR B 7 -2.25 -5.26 -5.36
C TYR B 7 -3.80 -5.33 -5.26
N LEU B 8 -4.36 -4.50 -4.35
CA LEU B 8 -5.80 -4.47 -4.06
C LEU B 8 -6.29 -5.74 -3.41
N SER B 9 -5.36 -6.54 -2.96
CA SER B 9 -5.68 -7.57 -2.03
C SER B 9 -5.44 -7.02 -0.64
N GLU B 10 -6.51 -6.60 0.01
CA GLU B 10 -6.40 -5.95 1.31
C GLU B 10 -7.32 -6.65 2.29
N ASP B 11 -6.70 -7.45 3.16
CA ASP B 11 -7.45 -8.27 4.10
C ASP B 11 -7.87 -7.45 5.31
N GLY B 12 -9.17 -7.18 5.40
CA GLY B 12 -9.71 -6.42 6.49
C GLY B 12 -11.21 -6.55 6.57
N GLY A 1 0.46 9.49 7.97
CA GLY A 1 -0.12 10.11 6.79
C GLY A 1 -0.41 9.10 5.70
N LEU A 2 -1.64 9.11 5.20
CA LEU A 2 -2.07 8.19 4.16
C LEU A 2 -2.74 8.95 3.03
N PRO A 3 -2.46 8.61 1.77
CA PRO A 3 -3.10 9.22 0.62
C PRO A 3 -4.37 8.48 0.24
N SER A 4 -5.43 9.24 0.07
CA SER A 4 -6.73 8.68 -0.23
C SER A 4 -6.75 8.13 -1.66
N GLY A 5 -6.89 6.81 -1.78
CA GLY A 5 -6.92 6.19 -3.09
C GLY A 5 -6.25 4.85 -3.10
N TRP A 6 -5.38 4.62 -2.12
CA TRP A 6 -4.81 3.32 -1.88
C TRP A 6 -5.36 2.73 -0.60
N GLU A 7 -5.41 1.40 -0.48
CA GLU A 7 -5.76 0.81 0.79
C GLU A 7 -4.47 0.51 1.55
N GLU A 8 -4.42 0.79 2.84
CA GLU A 8 -3.20 0.56 3.58
C GLU A 8 -3.27 -0.73 4.38
N ARG A 9 -2.12 -1.33 4.56
CA ARG A 9 -1.99 -2.54 5.34
C ARG A 9 -0.62 -2.62 6.00
N LYS A 10 -0.61 -2.72 7.31
CA LYS A 10 0.62 -2.90 8.04
C LYS A 10 0.73 -4.35 8.49
N ASP A 11 1.60 -5.13 7.86
CA ASP A 11 1.70 -6.54 8.15
C ASP A 11 2.69 -6.77 9.28
N ALA A 12 2.37 -7.68 10.21
CA ALA A 12 3.19 -7.93 11.39
C ALA A 12 4.53 -8.54 11.02
N LYS A 13 4.73 -8.79 9.73
CA LYS A 13 6.02 -9.26 9.23
C LYS A 13 7.04 -8.11 9.22
N GLY A 14 6.61 -6.94 9.70
CA GLY A 14 7.50 -5.81 9.82
C GLY A 14 7.55 -4.98 8.55
N ARG A 15 6.59 -5.23 7.67
CA ARG A 15 6.57 -4.57 6.37
C ARG A 15 5.17 -4.03 6.06
N THR A 16 5.06 -2.70 5.99
CA THR A 16 3.79 -2.05 5.70
C THR A 16 3.81 -1.51 4.28
N TYR A 17 2.70 -1.68 3.55
CA TYR A 17 2.68 -1.35 2.14
C TYR A 17 1.35 -0.67 1.76
N TYR A 18 1.41 0.19 0.75
CA TYR A 18 0.24 0.88 0.27
C TYR A 18 -0.10 0.41 -1.15
N VAL A 19 -1.37 0.12 -1.41
CA VAL A 19 -1.79 -0.46 -2.69
C VAL A 19 -2.53 0.55 -3.52
N ASN A 20 -1.96 0.98 -4.62
CA ASN A 20 -2.59 2.03 -5.42
C ASN A 20 -3.52 1.44 -6.49
N HIS A 21 -4.79 1.87 -6.53
CA HIS A 21 -5.73 1.35 -7.52
C HIS A 21 -5.62 2.16 -8.80
N ASN A 22 -4.97 3.28 -8.65
CA ASN A 22 -4.92 4.30 -9.67
C ASN A 22 -3.85 3.98 -10.71
N ASN A 23 -2.79 3.33 -10.26
CA ASN A 23 -1.72 2.87 -11.15
C ASN A 23 -1.66 1.35 -11.16
N ARG A 24 -2.34 0.73 -10.19
CA ARG A 24 -2.31 -0.72 -10.00
C ARG A 24 -0.94 -1.17 -9.50
N THR A 25 -0.66 -0.83 -8.25
CA THR A 25 0.68 -1.01 -7.71
C THR A 25 0.67 -1.44 -6.23
N THR A 26 1.68 -2.23 -5.82
CA THR A 26 1.87 -2.62 -4.43
C THR A 26 3.34 -2.35 -4.03
N THR A 27 3.59 -1.38 -3.15
CA THR A 27 4.95 -0.94 -2.91
C THR A 27 5.18 -0.41 -1.49
N TRP A 28 6.42 -0.56 -0.98
CA TRP A 28 6.81 0.00 0.32
C TRP A 28 6.97 1.52 0.22
N THR A 29 7.02 2.01 -1.01
CA THR A 29 7.35 3.39 -1.25
C THR A 29 6.24 4.33 -0.79
N ARG A 30 6.65 5.44 -0.17
CA ARG A 30 5.71 6.45 0.29
C ARG A 30 5.10 7.18 -0.91
N PRO A 31 3.78 7.24 -0.97
CA PRO A 31 3.04 7.78 -2.11
C PRO A 31 3.18 9.29 -2.23
N ILE A 32 3.51 9.74 -3.44
CA ILE A 32 3.67 11.15 -3.73
C ILE A 32 2.32 11.82 -3.91
N MET A 33 1.27 10.99 -3.98
CA MET A 33 -0.09 11.46 -4.29
C MET A 33 -0.72 12.23 -3.20
N GLN A 34 0.02 12.14 -2.26
CA GLN A 34 -0.27 12.54 -0.89
C GLN A 34 0.15 13.99 -0.65
N LEU A 35 1.00 14.50 -1.53
CA LEU A 35 1.55 15.85 -1.42
C LEU A 35 2.47 15.96 -0.20
N GLU B 1 14.31 -7.69 3.50
CA GLU B 1 12.85 -7.47 3.45
C GLU B 1 12.22 -8.35 2.37
N PRO B 3 9.28 -8.75 0.01
CA PRO B 3 8.30 -7.86 -0.58
C PRO B 3 6.83 -7.95 -0.34
N PRO B 4 6.23 -6.86 -0.86
CA PRO B 4 4.81 -6.52 -0.77
C PRO B 4 3.87 -7.65 -1.22
N PRO B 5 2.73 -7.75 -0.52
CA PRO B 5 1.62 -8.61 -0.94
C PRO B 5 0.95 -8.03 -2.19
N GLY B 6 0.38 -8.90 -3.03
CA GLY B 6 -0.18 -8.48 -4.32
C GLY B 6 -1.11 -7.26 -4.25
N TYR B 7 -1.48 -6.75 -5.42
CA TYR B 7 -2.20 -5.48 -5.51
C TYR B 7 -3.74 -5.66 -5.45
N LEU B 8 -4.39 -4.82 -4.61
CA LEU B 8 -5.83 -4.86 -4.35
C LEU B 8 -6.34 -6.23 -3.99
N SER B 9 -5.89 -6.63 -2.85
CA SER B 9 -6.51 -7.64 -2.06
C SER B 9 -6.19 -7.30 -0.63
N GLU B 10 -7.14 -6.68 0.04
CA GLU B 10 -6.86 -6.06 1.32
C GLU B 10 -7.81 -6.63 2.36
N ASP B 11 -7.22 -7.30 3.34
CA ASP B 11 -7.99 -8.09 4.30
C ASP B 11 -8.80 -7.20 5.22
N GLY B 12 -10.11 -7.42 5.20
CA GLY B 12 -11.02 -6.63 6.01
C GLY B 12 -12.35 -6.46 5.31
N GLY A 1 0.41 8.86 7.88
CA GLY A 1 -0.37 9.60 6.91
C GLY A 1 -0.66 8.77 5.67
N LEU A 2 -1.90 8.85 5.20
CA LEU A 2 -2.34 8.01 4.09
C LEU A 2 -3.00 8.87 3.02
N PRO A 3 -2.70 8.62 1.73
CA PRO A 3 -3.36 9.29 0.64
C PRO A 3 -4.60 8.53 0.20
N SER A 4 -5.66 9.25 -0.03
CA SER A 4 -6.93 8.67 -0.42
C SER A 4 -6.85 8.09 -1.83
N GLY A 5 -6.94 6.77 -1.96
CA GLY A 5 -6.89 6.16 -3.26
C GLY A 5 -6.11 4.86 -3.23
N TRP A 6 -5.32 4.68 -2.18
CA TRP A 6 -4.70 3.42 -1.91
C TRP A 6 -5.27 2.82 -0.65
N GLU A 7 -5.31 1.50 -0.55
CA GLU A 7 -5.70 0.87 0.69
C GLU A 7 -4.44 0.57 1.49
N GLU A 8 -4.47 0.81 2.79
CA GLU A 8 -3.29 0.58 3.60
C GLU A 8 -3.33 -0.78 4.27
N ARG A 9 -2.15 -1.33 4.50
CA ARG A 9 -2.02 -2.57 5.23
C ARG A 9 -0.68 -2.62 5.97
N LYS A 10 -0.74 -2.70 7.28
CA LYS A 10 0.45 -2.78 8.12
C LYS A 10 0.63 -4.22 8.59
N ASP A 11 1.61 -4.92 8.01
CA ASP A 11 1.77 -6.34 8.28
C ASP A 11 2.87 -6.57 9.32
N ALA A 12 2.66 -7.55 10.20
CA ALA A 12 3.58 -7.84 11.29
C ALA A 12 4.89 -8.45 10.78
N LYS A 13 4.97 -8.62 9.47
CA LYS A 13 6.21 -9.02 8.80
C LYS A 13 7.30 -7.96 9.00
N GLY A 14 6.93 -6.82 9.55
CA GLY A 14 7.87 -5.72 9.68
C GLY A 14 7.89 -4.89 8.42
N ARG A 15 6.81 -5.00 7.65
CA ARG A 15 6.71 -4.33 6.37
C ARG A 15 5.28 -3.88 6.12
N THR A 16 5.08 -2.58 5.96
CA THR A 16 3.77 -2.04 5.64
C THR A 16 3.78 -1.50 4.20
N TYR A 17 2.69 -1.69 3.49
CA TYR A 17 2.66 -1.35 2.07
C TYR A 17 1.37 -0.64 1.70
N TYR A 18 1.47 0.23 0.71
CA TYR A 18 0.33 0.97 0.21
C TYR A 18 -0.01 0.51 -1.21
N VAL A 19 -1.28 0.22 -1.47
CA VAL A 19 -1.70 -0.32 -2.76
C VAL A 19 -2.43 0.72 -3.57
N ASN A 20 -1.86 1.16 -4.68
CA ASN A 20 -2.49 2.20 -5.46
C ASN A 20 -3.40 1.63 -6.54
N HIS A 21 -4.68 2.03 -6.58
CA HIS A 21 -5.61 1.51 -7.60
C HIS A 21 -5.51 2.35 -8.84
N ASN A 22 -4.89 3.50 -8.67
CA ASN A 22 -4.84 4.53 -9.67
C ASN A 22 -3.75 4.23 -10.70
N ASN A 23 -2.70 3.57 -10.25
CA ASN A 23 -1.62 3.12 -11.13
C ASN A 23 -1.51 1.59 -11.09
N ARG A 24 -2.15 1.01 -10.07
CA ARG A 24 -2.14 -0.44 -9.85
C ARG A 24 -0.78 -0.91 -9.39
N THR A 25 -0.44 -0.56 -8.16
CA THR A 25 0.88 -0.82 -7.62
C THR A 25 0.83 -1.28 -6.15
N THR A 26 1.79 -2.14 -5.76
CA THR A 26 1.97 -2.55 -4.38
C THR A 26 3.42 -2.24 -3.97
N THR A 27 3.62 -1.34 -3.01
CA THR A 27 4.96 -0.81 -2.78
C THR A 27 5.21 -0.42 -1.32
N TRP A 28 6.48 -0.52 -0.90
CA TRP A 28 6.90 -0.06 0.42
C TRP A 28 7.02 1.47 0.44
N THR A 29 7.16 2.05 -0.75
CA THR A 29 7.49 3.47 -0.86
C THR A 29 6.31 4.37 -0.52
N ARG A 30 6.62 5.55 -0.01
CA ARG A 30 5.61 6.52 0.37
C ARG A 30 4.93 7.10 -0.86
N PRO A 31 3.60 7.13 -0.85
CA PRO A 31 2.80 7.59 -1.98
C PRO A 31 2.92 9.10 -2.22
N ILE A 32 3.12 9.48 -3.47
CA ILE A 32 3.23 10.87 -3.86
C ILE A 32 1.84 11.49 -3.98
N MET A 33 0.81 10.64 -3.93
CA MET A 33 -0.58 11.05 -4.11
C MET A 33 -1.13 11.81 -2.97
N GLN A 34 -0.28 11.75 -2.11
CA GLN A 34 -0.40 12.20 -0.73
C GLN A 34 -0.19 13.70 -0.64
N LEU A 35 0.40 14.25 -1.70
CA LEU A 35 0.69 15.68 -1.75
C LEU A 35 0.04 16.28 -2.99
N GLU B 1 14.26 -8.58 3.70
CA GLU B 1 12.83 -8.24 3.58
C GLU B 1 12.14 -9.17 2.60
N PRO B 3 9.16 -9.26 0.24
CA PRO B 3 8.27 -8.32 -0.40
C PRO B 3 6.78 -8.29 -0.17
N PRO B 4 6.26 -7.19 -0.75
CA PRO B 4 4.86 -6.78 -0.71
C PRO B 4 3.89 -7.85 -1.16
N PRO B 5 2.72 -7.90 -0.50
CA PRO B 5 1.58 -8.69 -0.96
C PRO B 5 0.99 -8.05 -2.22
N GLY B 6 0.40 -8.88 -3.09
CA GLY B 6 -0.10 -8.42 -4.38
C GLY B 6 -0.99 -7.19 -4.31
N TYR B 7 -1.34 -6.65 -5.46
CA TYR B 7 -2.06 -5.39 -5.53
C TYR B 7 -3.59 -5.57 -5.49
N LEU B 8 -4.27 -4.78 -4.64
CA LEU B 8 -5.70 -4.83 -4.41
C LEU B 8 -6.20 -6.20 -4.03
N SER B 9 -5.76 -6.58 -2.87
CA SER B 9 -6.39 -7.60 -2.09
C SER B 9 -6.12 -7.23 -0.64
N GLU B 10 -7.09 -6.61 0.00
CA GLU B 10 -6.83 -5.92 1.25
C GLU B 10 -7.82 -6.33 2.32
N ASP B 11 -7.34 -7.09 3.29
CA ASP B 11 -8.19 -7.58 4.37
C ASP B 11 -8.62 -6.43 5.27
N GLY B 12 -9.93 -6.30 5.45
CA GLY B 12 -10.45 -5.24 6.28
C GLY B 12 -11.71 -5.66 7.00
N GLY A 1 1.65 10.95 5.62
CA GLY A 1 0.21 10.89 5.55
C GLY A 1 -0.27 9.77 4.66
N LEU A 2 -1.44 9.24 4.98
CA LEU A 2 -2.05 8.21 4.15
C LEU A 2 -3.04 8.87 3.18
N PRO A 3 -2.98 8.50 1.90
CA PRO A 3 -3.88 9.04 0.89
C PRO A 3 -5.14 8.18 0.77
N SER A 4 -6.26 8.80 1.02
CA SER A 4 -7.53 8.11 0.99
C SER A 4 -7.89 7.72 -0.45
N GLY A 5 -7.85 6.43 -0.75
CA GLY A 5 -8.07 5.97 -2.10
C GLY A 5 -7.44 4.63 -2.32
N TRP A 6 -6.32 4.40 -1.66
CA TRP A 6 -5.69 3.09 -1.63
C TRP A 6 -6.28 2.30 -0.48
N GLU A 7 -5.92 1.05 -0.39
CA GLU A 7 -6.15 0.30 0.82
C GLU A 7 -4.78 -0.01 1.38
N GLU A 8 -4.46 0.51 2.54
CA GLU A 8 -3.14 0.28 3.09
C GLU A 8 -3.19 -0.77 4.16
N ARG A 9 -2.08 -1.47 4.29
CA ARG A 9 -2.00 -2.60 5.20
C ARG A 9 -0.63 -2.69 5.87
N LYS A 10 -0.66 -2.84 7.18
CA LYS A 10 0.55 -3.10 7.94
C LYS A 10 0.60 -4.59 8.29
N ASP A 11 1.50 -5.34 7.64
CA ASP A 11 1.54 -6.78 7.83
C ASP A 11 2.47 -7.12 8.99
N ALA A 12 2.04 -8.07 9.83
CA ALA A 12 2.76 -8.41 11.05
C ALA A 12 4.09 -9.11 10.77
N LYS A 13 4.37 -9.38 9.49
CA LYS A 13 5.64 -9.98 9.11
C LYS A 13 6.74 -8.92 9.08
N GLY A 14 6.41 -7.71 9.54
CA GLY A 14 7.40 -6.67 9.70
C GLY A 14 7.58 -5.79 8.48
N ARG A 15 6.56 -5.71 7.64
CA ARG A 15 6.61 -4.88 6.45
C ARG A 15 5.24 -4.24 6.15
N THR A 16 5.19 -2.91 6.22
CA THR A 16 4.00 -2.16 5.90
C THR A 16 3.99 -1.80 4.42
N TYR A 17 2.87 -1.95 3.74
CA TYR A 17 2.83 -1.61 2.33
C TYR A 17 1.52 -0.92 1.97
N TYR A 18 1.61 -0.06 0.95
CA TYR A 18 0.48 0.73 0.52
C TYR A 18 0.07 0.31 -0.90
N VAL A 19 -1.22 0.05 -1.13
CA VAL A 19 -1.67 -0.50 -2.41
C VAL A 19 -2.51 0.49 -3.20
N ASN A 20 -1.92 1.08 -4.23
CA ASN A 20 -2.58 2.18 -4.93
C ASN A 20 -3.45 1.68 -6.09
N HIS A 21 -4.72 2.10 -6.14
CA HIS A 21 -5.60 1.69 -7.24
C HIS A 21 -5.45 2.66 -8.39
N ASN A 22 -4.86 3.78 -8.07
CA ASN A 22 -4.80 4.93 -8.95
C ASN A 22 -3.69 4.76 -9.97
N ASN A 23 -2.68 3.99 -9.61
CA ASN A 23 -1.55 3.69 -10.48
C ASN A 23 -1.47 2.18 -10.72
N ARG A 24 -2.18 1.41 -9.88
CA ARG A 24 -2.14 -0.05 -9.90
C ARG A 24 -0.79 -0.53 -9.36
N THR A 25 -0.58 -0.36 -8.06
CA THR A 25 0.74 -0.53 -7.49
C THR A 25 0.71 -1.10 -6.05
N THR A 26 1.76 -1.85 -5.68
CA THR A 26 1.98 -2.31 -4.33
C THR A 26 3.41 -1.91 -3.90
N THR A 27 3.57 -1.17 -2.81
CA THR A 27 4.87 -0.59 -2.52
C THR A 27 5.15 -0.40 -1.02
N TRP A 28 6.43 -0.48 -0.65
CA TRP A 28 6.88 -0.14 0.70
C TRP A 28 6.84 1.37 0.93
N THR A 29 7.02 2.12 -0.15
CA THR A 29 7.27 3.55 -0.07
C THR A 29 6.01 4.36 0.22
N ARG A 30 6.20 5.49 0.89
CA ARG A 30 5.10 6.37 1.27
C ARG A 30 4.51 7.05 0.03
N PRO A 31 3.18 7.14 -0.02
CA PRO A 31 2.46 7.69 -1.17
C PRO A 31 2.66 9.19 -1.33
N ILE A 32 3.35 9.55 -2.41
CA ILE A 32 3.54 10.94 -2.79
C ILE A 32 2.30 11.44 -3.55
N MET A 33 1.40 10.50 -3.89
CA MET A 33 0.26 10.74 -4.78
C MET A 33 -0.75 11.68 -4.25
N GLN A 34 -0.44 11.90 -3.11
CA GLN A 34 -1.23 12.64 -2.13
C GLN A 34 -1.04 14.14 -2.35
N LEU A 35 0.05 14.51 -3.01
CA LEU A 35 0.36 15.91 -3.26
C LEU A 35 -0.24 16.37 -4.58
N GLU B 1 14.00 -8.53 4.40
CA GLU B 1 12.58 -8.21 4.11
C GLU B 1 12.02 -9.18 3.09
N PRO B 3 9.30 -9.20 0.42
CA PRO B 3 8.48 -8.25 -0.32
C PRO B 3 6.98 -8.23 -0.25
N PRO B 4 6.52 -7.14 -0.89
CA PRO B 4 5.12 -6.72 -1.01
C PRO B 4 4.17 -7.81 -1.50
N PRO B 5 2.99 -7.86 -0.90
CA PRO B 5 1.84 -8.61 -1.41
C PRO B 5 1.29 -7.93 -2.66
N GLY B 6 0.70 -8.71 -3.57
CA GLY B 6 0.21 -8.18 -4.85
C GLY B 6 -0.71 -6.97 -4.71
N TYR B 7 -1.13 -6.41 -5.84
CA TYR B 7 -1.89 -5.17 -5.85
C TYR B 7 -3.41 -5.41 -5.74
N LEU B 8 -4.05 -4.67 -4.83
CA LEU B 8 -5.47 -4.82 -4.51
C LEU B 8 -5.86 -6.23 -4.18
N SER B 9 -5.39 -6.64 -3.04
CA SER B 9 -5.88 -7.80 -2.36
C SER B 9 -5.77 -7.50 -0.88
N GLU B 10 -6.88 -7.10 -0.29
CA GLU B 10 -6.86 -6.50 1.03
C GLU B 10 -7.87 -7.19 1.94
N ASP B 11 -7.37 -7.76 3.01
CA ASP B 11 -8.18 -8.57 3.92
C ASP B 11 -9.04 -7.70 4.83
N GLY B 12 -8.79 -6.40 4.83
CA GLY B 12 -9.52 -5.51 5.71
C GLY B 12 -9.41 -4.07 5.25
N GLY A 1 0.21 10.94 6.78
CA GLY A 1 -0.86 11.14 5.84
C GLY A 1 -1.05 9.98 4.88
N LEU A 2 -2.24 9.45 4.86
CA LEU A 2 -2.60 8.41 3.90
C LEU A 2 -3.34 9.06 2.74
N PRO A 3 -3.02 8.68 1.49
CA PRO A 3 -3.71 9.17 0.33
C PRO A 3 -4.92 8.30 0.00
N SER A 4 -6.07 8.92 -0.04
CA SER A 4 -7.31 8.23 -0.30
C SER A 4 -7.36 7.75 -1.75
N GLY A 5 -7.42 6.44 -1.95
CA GLY A 5 -7.37 5.89 -3.29
C GLY A 5 -6.62 4.60 -3.31
N TRP A 6 -5.78 4.42 -2.30
CA TRP A 6 -5.16 3.15 -2.02
C TRP A 6 -5.77 2.57 -0.76
N GLU A 7 -5.67 1.25 -0.61
CA GLU A 7 -5.97 0.65 0.68
C GLU A 7 -4.64 0.39 1.37
N GLU A 8 -4.57 0.55 2.67
CA GLU A 8 -3.30 0.37 3.36
C GLU A 8 -3.31 -0.85 4.26
N ARG A 9 -2.13 -1.45 4.40
CA ARG A 9 -1.96 -2.63 5.22
C ARG A 9 -0.60 -2.64 5.91
N LYS A 10 -0.62 -2.67 7.22
CA LYS A 10 0.57 -2.90 8.00
C LYS A 10 0.66 -4.38 8.35
N ASP A 11 1.53 -5.12 7.68
CA ASP A 11 1.60 -6.56 7.87
C ASP A 11 2.57 -6.89 8.99
N ALA A 12 2.19 -7.85 9.84
CA ALA A 12 2.95 -8.16 11.04
C ALA A 12 4.28 -8.83 10.73
N LYS A 13 4.54 -9.07 9.46
CA LYS A 13 5.82 -9.61 9.03
C LYS A 13 6.89 -8.51 9.03
N GLY A 14 6.49 -7.31 9.47
CA GLY A 14 7.44 -6.22 9.61
C GLY A 14 7.56 -5.40 8.35
N ARG A 15 6.55 -5.49 7.50
CA ARG A 15 6.56 -4.79 6.24
C ARG A 15 5.17 -4.23 5.91
N THR A 16 5.04 -2.92 5.94
CA THR A 16 3.77 -2.26 5.65
C THR A 16 3.78 -1.71 4.22
N TYR A 17 2.64 -1.78 3.54
CA TYR A 17 2.59 -1.41 2.14
C TYR A 17 1.26 -0.76 1.78
N TYR A 18 1.30 0.13 0.80
CA TYR A 18 0.09 0.80 0.32
C TYR A 18 -0.22 0.33 -1.11
N VAL A 19 -1.48 -0.02 -1.38
CA VAL A 19 -1.87 -0.56 -2.68
C VAL A 19 -2.62 0.46 -3.51
N ASN A 20 -2.03 0.93 -4.59
CA ASN A 20 -2.65 1.98 -5.38
C ASN A 20 -3.56 1.41 -6.47
N HIS A 21 -4.83 1.83 -6.52
CA HIS A 21 -5.76 1.33 -7.55
C HIS A 21 -5.63 2.19 -8.78
N ASN A 22 -4.98 3.31 -8.59
CA ASN A 22 -4.88 4.34 -9.60
C ASN A 22 -3.78 3.99 -10.61
N ASN A 23 -2.83 3.17 -10.16
CA ASN A 23 -1.76 2.69 -11.02
C ASN A 23 -1.77 1.16 -11.09
N ARG A 24 -2.51 0.54 -10.16
CA ARG A 24 -2.49 -0.91 -9.97
C ARG A 24 -1.13 -1.33 -9.43
N THR A 25 -0.85 -0.98 -8.19
CA THR A 25 0.48 -1.14 -7.65
C THR A 25 0.50 -1.56 -6.17
N THR A 26 1.52 -2.33 -5.77
CA THR A 26 1.76 -2.68 -4.38
C THR A 26 3.20 -2.28 -4.02
N THR A 27 3.38 -1.38 -3.04
CA THR A 27 4.69 -0.77 -2.85
C THR A 27 4.95 -0.38 -1.39
N TRP A 28 6.23 -0.40 -1.00
CA TRP A 28 6.63 0.06 0.32
C TRP A 28 6.66 1.59 0.37
N THR A 29 6.82 2.21 -0.80
CA THR A 29 7.14 3.63 -0.89
C THR A 29 5.98 4.52 -0.46
N ARG A 30 6.33 5.65 0.14
CA ARG A 30 5.37 6.66 0.53
C ARG A 30 4.82 7.37 -0.70
N PRO A 31 3.49 7.47 -0.81
CA PRO A 31 2.84 8.10 -1.97
C PRO A 31 3.07 9.61 -2.00
N ILE A 32 3.76 10.05 -3.04
CA ILE A 32 4.09 11.45 -3.24
C ILE A 32 2.84 12.28 -3.54
N MET A 33 1.73 11.58 -3.77
CA MET A 33 0.48 12.24 -4.17
C MET A 33 -0.20 12.96 -3.07
N GLN A 34 0.42 12.67 -2.08
CA GLN A 34 0.05 13.04 -0.71
C GLN A 34 1.16 13.87 -0.07
N LEU A 35 2.36 13.29 -0.01
CA LEU A 35 3.54 13.98 0.53
C LEU A 35 3.44 14.20 2.03
N GLU B 1 14.48 -7.47 3.68
CA GLU B 1 13.03 -7.28 3.44
C GLU B 1 12.53 -8.24 2.37
N PRO B 3 9.58 -8.70 -0.13
CA PRO B 3 8.57 -7.84 -0.74
C PRO B 3 7.08 -8.00 -0.53
N PRO B 4 6.45 -6.93 -1.09
CA PRO B 4 5.02 -6.64 -1.02
C PRO B 4 4.10 -7.79 -1.42
N PRO B 5 2.95 -7.87 -0.73
CA PRO B 5 1.83 -8.73 -1.10
C PRO B 5 1.16 -8.20 -2.38
N GLY B 6 0.57 -9.09 -3.18
CA GLY B 6 -0.04 -8.69 -4.44
C GLY B 6 -0.99 -7.49 -4.34
N TYR B 7 -1.43 -6.97 -5.47
CA TYR B 7 -2.13 -5.70 -5.50
C TYR B 7 -3.65 -5.88 -5.34
N LEU B 8 -4.23 -4.99 -4.52
CA LEU B 8 -5.63 -5.04 -4.11
C LEU B 8 -6.07 -6.40 -3.64
N SER B 9 -5.51 -6.73 -2.51
CA SER B 9 -6.01 -7.77 -1.66
C SER B 9 -5.85 -7.26 -0.25
N GLU B 10 -6.93 -6.75 0.32
CA GLU B 10 -6.84 -6.05 1.58
C GLU B 10 -7.79 -6.68 2.58
N ASP B 11 -7.19 -7.29 3.59
CA ASP B 11 -7.90 -8.12 4.55
C ASP B 11 -8.78 -7.28 5.46
N GLY B 12 -10.07 -7.63 5.50
CA GLY B 12 -11.02 -6.92 6.31
C GLY B 12 -12.44 -7.29 5.96
#